data_4E8X
# 
_entry.id   4E8X 
# 
_audit_conform.dict_name       mmcif_pdbx.dic 
_audit_conform.dict_version    5.387 
_audit_conform.dict_location   http://mmcif.pdb.org/dictionaries/ascii/mmcif_pdbx.dic 
# 
loop_
_database_2.database_id 
_database_2.database_code 
_database_2.pdbx_database_accession 
_database_2.pdbx_DOI 
PDB   4E8X         pdb_00004e8x 10.2210/pdb4e8x/pdb 
NDB   NA1695       ?            ?                   
RCSB  RCSB071317   ?            ?                   
WWPDB D_1000071317 ?            ?                   
# 
loop_
_pdbx_audit_revision_history.ordinal 
_pdbx_audit_revision_history.data_content_type 
_pdbx_audit_revision_history.major_revision 
_pdbx_audit_revision_history.minor_revision 
_pdbx_audit_revision_history.revision_date 
1 'Structure model' 1 0 2013-03-20 
2 'Structure model' 1 1 2017-03-08 
3 'Structure model' 1 2 2024-02-28 
# 
_pdbx_audit_revision_details.ordinal             1 
_pdbx_audit_revision_details.revision_ordinal    1 
_pdbx_audit_revision_details.data_content_type   'Structure model' 
_pdbx_audit_revision_details.provider            repository 
_pdbx_audit_revision_details.type                'Initial release' 
_pdbx_audit_revision_details.description         ? 
_pdbx_audit_revision_details.details             ? 
# 
loop_
_pdbx_audit_revision_group.ordinal 
_pdbx_audit_revision_group.revision_ordinal 
_pdbx_audit_revision_group.data_content_type 
_pdbx_audit_revision_group.group 
1 2 'Structure model' 'Database references'  
2 3 'Structure model' 'Data collection'      
3 3 'Structure model' 'Database references'  
4 3 'Structure model' 'Derived calculations' 
# 
loop_
_pdbx_audit_revision_category.ordinal 
_pdbx_audit_revision_category.revision_ordinal 
_pdbx_audit_revision_category.data_content_type 
_pdbx_audit_revision_category.category 
1 3 'Structure model' chem_comp_atom         
2 3 'Structure model' chem_comp_bond         
3 3 'Structure model' database_2             
4 3 'Structure model' pdbx_struct_conn_angle 
5 3 'Structure model' struct_conn            
6 3 'Structure model' struct_site            
# 
loop_
_pdbx_audit_revision_item.ordinal 
_pdbx_audit_revision_item.revision_ordinal 
_pdbx_audit_revision_item.data_content_type 
_pdbx_audit_revision_item.item 
1  3 'Structure model' '_database_2.pdbx_DOI'                        
2  3 'Structure model' '_database_2.pdbx_database_accession'         
3  3 'Structure model' '_pdbx_struct_conn_angle.ptnr1_auth_comp_id'  
4  3 'Structure model' '_pdbx_struct_conn_angle.ptnr1_auth_seq_id'   
5  3 'Structure model' '_pdbx_struct_conn_angle.ptnr1_label_asym_id' 
6  3 'Structure model' '_pdbx_struct_conn_angle.ptnr1_label_atom_id' 
7  3 'Structure model' '_pdbx_struct_conn_angle.ptnr1_label_comp_id' 
8  3 'Structure model' '_pdbx_struct_conn_angle.ptnr1_label_seq_id'  
9  3 'Structure model' '_pdbx_struct_conn_angle.ptnr3_auth_comp_id'  
10 3 'Structure model' '_pdbx_struct_conn_angle.ptnr3_auth_seq_id'   
11 3 'Structure model' '_pdbx_struct_conn_angle.ptnr3_label_asym_id' 
12 3 'Structure model' '_pdbx_struct_conn_angle.ptnr3_label_atom_id' 
13 3 'Structure model' '_pdbx_struct_conn_angle.ptnr3_label_comp_id' 
14 3 'Structure model' '_pdbx_struct_conn_angle.ptnr3_label_seq_id'  
15 3 'Structure model' '_pdbx_struct_conn_angle.value'               
16 3 'Structure model' '_struct_conn.pdbx_dist_value'                
17 3 'Structure model' '_struct_conn.ptnr1_auth_comp_id'             
18 3 'Structure model' '_struct_conn.ptnr1_auth_seq_id'              
19 3 'Structure model' '_struct_conn.ptnr1_label_asym_id'            
20 3 'Structure model' '_struct_conn.ptnr1_label_atom_id'            
21 3 'Structure model' '_struct_conn.ptnr1_label_comp_id'            
22 3 'Structure model' '_struct_conn.ptnr1_label_seq_id'             
23 3 'Structure model' '_struct_conn.ptnr2_auth_comp_id'             
24 3 'Structure model' '_struct_conn.ptnr2_auth_seq_id'              
25 3 'Structure model' '_struct_conn.ptnr2_label_asym_id'            
26 3 'Structure model' '_struct_conn.ptnr2_label_atom_id'            
27 3 'Structure model' '_struct_conn.ptnr2_label_comp_id'            
28 3 'Structure model' '_struct_conn.ptnr2_label_seq_id'             
29 3 'Structure model' '_struct_site.pdbx_auth_asym_id'              
30 3 'Structure model' '_struct_site.pdbx_auth_comp_id'              
31 3 'Structure model' '_struct_site.pdbx_auth_seq_id'               
# 
_pdbx_database_status.status_code                     REL 
_pdbx_database_status.entry_id                        4E8X 
_pdbx_database_status.recvd_initial_deposition_date   2012-03-20 
_pdbx_database_status.deposit_site                    RCSB 
_pdbx_database_status.process_site                    RCSB 
_pdbx_database_status.status_code_sf                  REL 
_pdbx_database_status.status_code_mr                  ? 
_pdbx_database_status.SG_entry                        ? 
_pdbx_database_status.status_code_cs                  ? 
_pdbx_database_status.methods_development_category    ? 
_pdbx_database_status.pdb_format_compatible           Y 
_pdbx_database_status.status_code_nmr_data            ? 
# 
loop_
_pdbx_database_related.db_name 
_pdbx_database_related.db_id 
_pdbx_database_related.details 
_pdbx_database_related.content_type 
PDB 4DX4 . unspecified 
PDB 4E7Y . unspecified 
PDB 4E87 . unspecified 
PDB 4E8S . unspecified 
PDB 4E95 . unspecified 
# 
loop_
_audit_author.name 
_audit_author.pdbx_ordinal 
'Hall, J.P.'   1 
'Cardin, C.J.' 2 
# 
_citation.id                        primary 
_citation.title                     'The effects of disubstitution on the binding of ruthenium complexes to DNA' 
_citation.journal_abbrev            'Thesis, University of Reading' 
_citation.journal_volume            ? 
_citation.page_first                ? 
_citation.page_last                 ? 
_citation.year                      2014 
_citation.journal_id_ASTM           ? 
_citation.country                   ? 
_citation.journal_id_ISSN           ? 
_citation.journal_id_CSD            ? 
_citation.book_publisher            ? 
_citation.pdbx_database_id_PubMed   ? 
_citation.pdbx_database_id_DOI      ? 
# 
_citation_author.citation_id        primary 
_citation_author.name               'Hall, J.P.' 
_citation_author.ordinal            1 
_citation_author.identifier_ORCID   ? 
# 
loop_
_entity.id 
_entity.type 
_entity.src_method 
_entity.pdbx_description 
_entity.formula_weight 
_entity.pdbx_number_of_molecules 
_entity.pdbx_ec 
_entity.pdbx_mutation 
_entity.pdbx_fragment 
_entity.details 
1 polymer     syn "5'-D(*CP*CP*GP*GP*CP*GP*CP*CP*GP*G)-3'" 3046.980 1  ? ? ? ? 
2 non-polymer syn 'BARIUM ION' 137.327  1  ? ? ? ? 
3 non-polymer syn 
"(11,12-dimethyldipyrido[3,2-a:2',3'-c]phenazine-kappa~2~N~4~,N~5~)[bis(pyrazino[2,3-f]quinoxaline-kappa~2~N~1~,N~10~)]ruthenium(2+)" 
775.785  1  ? ? ? ? 
4 water       nat water 18.015   22 ? ? ? ? 
# 
_entity_poly.entity_id                      1 
_entity_poly.type                           polydeoxyribonucleotide 
_entity_poly.nstd_linkage                   no 
_entity_poly.nstd_monomer                   no 
_entity_poly.pdbx_seq_one_letter_code       '(DC)(DC)(DG)(DG)(DC)(DG)(DC)(DC)(DG)(DG)' 
_entity_poly.pdbx_seq_one_letter_code_can   CCGGCGCCGG 
_entity_poly.pdbx_strand_id                 A 
_entity_poly.pdbx_target_identifier         ? 
# 
loop_
_pdbx_entity_nonpoly.entity_id 
_pdbx_entity_nonpoly.name 
_pdbx_entity_nonpoly.comp_id 
2 'BARIUM ION' BA  
3 
"(11,12-dimethyldipyrido[3,2-a:2',3'-c]phenazine-kappa~2~N~4~,N~5~)[bis(pyrazino[2,3-f]quinoxaline-kappa~2~N~1~,N~10~)]ruthenium(2+)" 
RML 
4 water HOH 
# 
loop_
_entity_poly_seq.entity_id 
_entity_poly_seq.num 
_entity_poly_seq.mon_id 
_entity_poly_seq.hetero 
1 1  DC n 
1 2  DC n 
1 3  DG n 
1 4  DG n 
1 5  DC n 
1 6  DG n 
1 7  DC n 
1 8  DC n 
1 9  DG n 
1 10 DG n 
# 
_pdbx_entity_src_syn.entity_id              1 
_pdbx_entity_src_syn.pdbx_src_id            1 
_pdbx_entity_src_syn.pdbx_alt_source_flag   sample 
_pdbx_entity_src_syn.pdbx_beg_seq_num       ? 
_pdbx_entity_src_syn.pdbx_end_seq_num       ? 
_pdbx_entity_src_syn.organism_scientific    ? 
_pdbx_entity_src_syn.organism_common_name   ? 
_pdbx_entity_src_syn.ncbi_taxonomy_id       ? 
_pdbx_entity_src_syn.details                'DNA Purchased from ATDBio' 
# 
loop_
_chem_comp.id 
_chem_comp.type 
_chem_comp.mon_nstd_flag 
_chem_comp.name 
_chem_comp.pdbx_synonyms 
_chem_comp.formula 
_chem_comp.formula_weight 
BA  non-polymer   . 'BARIUM ION' ?                                                                                'Ba 2' 137.327 
DC  'DNA linking' y "2'-DEOXYCYTIDINE-5'-MONOPHOSPHATE" ? 'C9 H14 N3 O7 P'   307.197 
DG  'DNA linking' y "2'-DEOXYGUANOSINE-5'-MONOPHOSPHATE" ? 'C10 H14 N5 O7 P'  347.221 
HOH non-polymer   . WATER ?                                                                                'H2 O'             
18.015  
RML non-polymer   . 
"(11,12-dimethyldipyrido[3,2-a:2',3'-c]phenazine-kappa~2~N~4~,N~5~)[bis(pyrazino[2,3-f]quinoxaline-kappa~2~N~1~,N~10~)]ruthenium(2+)" 
'Lambda-[Ru(1,4,5,8-tetraazaphenanthrene)2(11,12-dimethyl-dipyridophenazine)]2+' 'C40 H26 N12 Ru 2' 775.785 
# 
loop_
_pdbx_poly_seq_scheme.asym_id 
_pdbx_poly_seq_scheme.entity_id 
_pdbx_poly_seq_scheme.seq_id 
_pdbx_poly_seq_scheme.mon_id 
_pdbx_poly_seq_scheme.ndb_seq_num 
_pdbx_poly_seq_scheme.pdb_seq_num 
_pdbx_poly_seq_scheme.auth_seq_num 
_pdbx_poly_seq_scheme.pdb_mon_id 
_pdbx_poly_seq_scheme.auth_mon_id 
_pdbx_poly_seq_scheme.pdb_strand_id 
_pdbx_poly_seq_scheme.pdb_ins_code 
_pdbx_poly_seq_scheme.hetero 
A 1 1  DC 1  1  1  DC DC A . n 
A 1 2  DC 2  2  2  DC DC A . n 
A 1 3  DG 3  3  3  DG DG A . n 
A 1 4  DG 4  4  4  DG DG A . n 
A 1 5  DC 5  5  5  DC DC A . n 
A 1 6  DG 6  6  6  DG DG A . n 
A 1 7  DC 7  7  7  DC DC A . n 
A 1 8  DC 8  8  8  DC DC A . n 
A 1 9  DG 9  9  9  DG DG A . n 
A 1 10 DG 10 10 10 DG DG A . n 
# 
loop_
_pdbx_nonpoly_scheme.asym_id 
_pdbx_nonpoly_scheme.entity_id 
_pdbx_nonpoly_scheme.mon_id 
_pdbx_nonpoly_scheme.ndb_seq_num 
_pdbx_nonpoly_scheme.pdb_seq_num 
_pdbx_nonpoly_scheme.auth_seq_num 
_pdbx_nonpoly_scheme.pdb_mon_id 
_pdbx_nonpoly_scheme.auth_mon_id 
_pdbx_nonpoly_scheme.pdb_strand_id 
_pdbx_nonpoly_scheme.pdb_ins_code 
B 2 BA  1  101 1  BA  BA  A . 
C 3 RML 1  102 1  RML RML A . 
D 4 HOH 1  201 1  HOH HOH A . 
D 4 HOH 2  202 2  HOH HOH A . 
D 4 HOH 3  203 5  HOH HOH A . 
D 4 HOH 4  204 6  HOH HOH A . 
D 4 HOH 5  205 7  HOH HOH A . 
D 4 HOH 6  206 8  HOH HOH A . 
D 4 HOH 7  207 9  HOH HOH A . 
D 4 HOH 8  208 10 HOH HOH A . 
D 4 HOH 9  209 15 HOH HOH A . 
D 4 HOH 10 210 16 HOH HOH A . 
D 4 HOH 11 211 17 HOH HOH A . 
D 4 HOH 12 212 18 HOH HOH A . 
D 4 HOH 13 213 19 HOH HOH A . 
D 4 HOH 14 214 20 HOH HOH A . 
D 4 HOH 15 215 23 HOH HOH A . 
D 4 HOH 16 216 24 HOH HOH A . 
D 4 HOH 17 217 25 HOH HOH A . 
D 4 HOH 18 218 30 HOH HOH A . 
D 4 HOH 19 219 31 HOH HOH A . 
D 4 HOH 20 220 33 HOH HOH A . 
D 4 HOH 21 221 35 HOH HOH A . 
D 4 HOH 22 222 36 HOH HOH A . 
# 
_software.name             REFMAC 
_software.classification   refinement 
_software.version          5.6.0117 
_software.citation_id      ? 
_software.pdbx_ordinal     1 
# 
_cell.entry_id           4E8X 
_cell.length_a           47.090 
_cell.length_b           47.090 
_cell.length_c           34.130 
_cell.angle_alpha        90.00 
_cell.angle_beta         90.00 
_cell.angle_gamma        90.00 
_cell.Z_PDB              8 
_cell.pdbx_unique_axis   ? 
_cell.length_a_esd       ? 
_cell.length_b_esd       ? 
_cell.length_c_esd       ? 
_cell.angle_alpha_esd    ? 
_cell.angle_beta_esd     ? 
_cell.angle_gamma_esd    ? 
# 
_symmetry.entry_id                         4E8X 
_symmetry.space_group_name_H-M             'P 43 21 2' 
_symmetry.pdbx_full_space_group_name_H-M   ? 
_symmetry.cell_setting                     ? 
_symmetry.Int_Tables_number                96 
_symmetry.space_group_name_Hall            ? 
# 
_exptl.entry_id          4E8X 
_exptl.method            'X-RAY DIFFRACTION' 
_exptl.crystals_number   1 
# 
_exptl_crystal.id                    1 
_exptl_crystal.density_meas          ? 
_exptl_crystal.density_Matthews      3.10 
_exptl_crystal.density_percent_sol   60.38 
_exptl_crystal.description           ? 
_exptl_crystal.F_000                 ? 
_exptl_crystal.preparation           ? 
# 
_exptl_crystal_grow.crystal_id      1 
_exptl_crystal_grow.method          'VAPOR DIFFUSION, SITTING DROP' 
_exptl_crystal_grow.temp            277 
_exptl_crystal_grow.temp_details    ? 
_exptl_crystal_grow.pH              7 
_exptl_crystal_grow.pdbx_details    
;1ul 2mM DNA, 1ul 2mM lambda-[Ru(TAP)2(dppz-(Me)2)]Cl2, 6ul 10% 2-methyl-2,4-pentanediol, 40mM sodium cacodylate, 12mM spermine tetra-HCl, 80mM potassium chloride, 20mM barium chloride, pH 7, VAPOR DIFFUSION, SITTING DROP, temperature 277K
;
_exptl_crystal_grow.pdbx_pH_range   ? 
# 
_diffrn.id                     1 
_diffrn.ambient_temp           100 
_diffrn.ambient_temp_details   ? 
_diffrn.crystal_id             1 
# 
_diffrn_detector.diffrn_id              1 
_diffrn_detector.detector               CCD 
_diffrn_detector.type                   'ADSC QUANTUM 315r' 
_diffrn_detector.pdbx_collection_date   2012-03-13 
_diffrn_detector.details                ? 
# 
_diffrn_radiation.diffrn_id                        1 
_diffrn_radiation.wavelength_id                    1 
_diffrn_radiation.pdbx_monochromatic_or_laue_m_l   M 
_diffrn_radiation.monochromator                    'Dual crystal Si(111)' 
_diffrn_radiation.pdbx_diffrn_protocol             'SINGLE WAVELENGTH' 
_diffrn_radiation.pdbx_scattering_type             x-ray 
# 
_diffrn_radiation_wavelength.id           1 
_diffrn_radiation_wavelength.wavelength   0.9795 
_diffrn_radiation_wavelength.wt           1.0 
# 
_diffrn_source.diffrn_id                   1 
_diffrn_source.source                      SYNCHROTRON 
_diffrn_source.type                        'DIAMOND BEAMLINE I02' 
_diffrn_source.pdbx_synchrotron_site       Diamond 
_diffrn_source.pdbx_synchrotron_beamline   I02 
_diffrn_source.pdbx_wavelength             ? 
_diffrn_source.pdbx_wavelength_list        0.9795 
# 
_reflns.entry_id                     4E8X 
_reflns.observed_criterion_sigma_I   ? 
_reflns.observed_criterion_sigma_F   ? 
_reflns.d_resolution_low             47.09 
_reflns.d_resolution_high            2.18 
_reflns.number_obs                   2189 
_reflns.number_all                   2219 
_reflns.percent_possible_obs         98.6 
_reflns.pdbx_Rmerge_I_obs            ? 
_reflns.pdbx_Rsym_value              ? 
_reflns.pdbx_netI_over_sigmaI        ? 
_reflns.B_iso_Wilson_estimate        ? 
_reflns.pdbx_redundancy              ? 
_reflns.R_free_details               ? 
_reflns.limit_h_max                  ? 
_reflns.limit_h_min                  ? 
_reflns.limit_k_max                  ? 
_reflns.limit_k_min                  ? 
_reflns.limit_l_max                  ? 
_reflns.limit_l_min                  ? 
_reflns.observed_criterion_F_max     ? 
_reflns.observed_criterion_F_min     ? 
_reflns.pdbx_chi_squared             ? 
_reflns.pdbx_scaling_rejects         ? 
_reflns.pdbx_ordinal                 1 
_reflns.pdbx_diffrn_id               1 
# 
_reflns_shell.d_res_high             2.18 
_reflns_shell.d_res_low              2.24 
_reflns_shell.percent_possible_all   99.3 
_reflns_shell.Rmerge_I_obs           ? 
_reflns_shell.pdbx_Rsym_value        ? 
_reflns_shell.meanI_over_sigI_obs    ? 
_reflns_shell.pdbx_redundancy        ? 
_reflns_shell.percent_possible_obs   ? 
_reflns_shell.number_unique_all      ? 
_reflns_shell.number_measured_all    ? 
_reflns_shell.number_measured_obs    ? 
_reflns_shell.number_unique_obs      ? 
_reflns_shell.pdbx_chi_squared       ? 
_reflns_shell.pdbx_ordinal           1 
_reflns_shell.pdbx_diffrn_id         1 
# 
_refine.entry_id                                 4E8X 
_refine.ls_number_reflns_obs                     2113 
_refine.ls_number_reflns_all                     2122 
_refine.pdbx_ls_sigma_I                          ? 
_refine.pdbx_ls_sigma_F                          . 
_refine.pdbx_data_cutoff_high_absF               ? 
_refine.pdbx_data_cutoff_low_absF                ? 
_refine.pdbx_data_cutoff_high_rms_absF           ? 
_refine.ls_d_res_low                             33.30 
_refine.ls_d_res_high                            2.18 
_refine.ls_percent_reflns_obs                    99.55 
_refine.ls_R_factor_obs                          0.23521 
_refine.ls_R_factor_all                          ? 
_refine.ls_R_factor_R_work                       0.23269 
_refine.ls_R_factor_R_free                       0.28370 
_refine.ls_R_factor_R_free_error                 ? 
_refine.ls_R_factor_R_free_error_details         ? 
_refine.ls_percent_reflns_R_free                 4.4 
_refine.ls_number_reflns_R_free                  98 
_refine.ls_number_parameters                     ? 
_refine.ls_number_restraints                     ? 
_refine.occupancy_min                            ? 
_refine.occupancy_max                            ? 
_refine.correlation_coeff_Fo_to_Fc               0.920 
_refine.correlation_coeff_Fo_to_Fc_free          0.882 
_refine.B_iso_mean                               33.811 
_refine.aniso_B[1][1]                            0.23 
_refine.aniso_B[2][2]                            0.23 
_refine.aniso_B[3][3]                            -0.45 
_refine.aniso_B[1][2]                            -0.00 
_refine.aniso_B[1][3]                            0.00 
_refine.aniso_B[2][3]                            0.00 
_refine.solvent_model_details                    MASK 
_refine.solvent_model_param_ksol                 ? 
_refine.solvent_model_param_bsol                 ? 
_refine.pdbx_solvent_vdw_probe_radii             1.20 
_refine.pdbx_solvent_ion_probe_radii             0.80 
_refine.pdbx_solvent_shrinkage_radii             0.80 
_refine.pdbx_ls_cross_valid_method               THROUGHOUT 
_refine.details                                  'HYDROGENS HAVE BEEN USED IF PRESENT IN THE INPUT' 
_refine.pdbx_starting_model                      ? 
_refine.pdbx_method_to_determine_struct          SAD 
_refine.pdbx_isotropic_thermal_model             ? 
_refine.pdbx_stereochemistry_target_values       'MAXIMUM LIKELIHOOD WITH PHASES' 
_refine.pdbx_stereochem_target_val_spec_case     ? 
_refine.pdbx_R_Free_selection_details            RANDOM 
_refine.pdbx_overall_ESU_R                       0.272 
_refine.pdbx_overall_ESU_R_Free                  0.228 
_refine.overall_SU_ML                            0.199 
_refine.pdbx_overall_phase_error                 ? 
_refine.overall_SU_B                             8.752 
_refine.overall_SU_R_Cruickshank_DPI             ? 
_refine.ls_redundancy_reflns_obs                 ? 
_refine.B_iso_min                                ? 
_refine.B_iso_max                                ? 
_refine.overall_SU_R_free                        ? 
_refine.ls_wR_factor_R_free                      ? 
_refine.ls_wR_factor_R_work                      ? 
_refine.overall_FOM_free_R_set                   ? 
_refine.overall_FOM_work_R_set                   ? 
_refine.pdbx_diffrn_id                           1 
_refine.pdbx_refine_id                           'X-RAY DIFFRACTION' 
_refine.pdbx_TLS_residual_ADP_flag               ? 
_refine.pdbx_overall_SU_R_free_Cruickshank_DPI   ? 
_refine.pdbx_overall_SU_R_Blow_DPI               ? 
_refine.pdbx_overall_SU_R_free_Blow_DPI          ? 
# 
_refine_hist.pdbx_refine_id                   'X-RAY DIFFRACTION' 
_refine_hist.cycle_id                         LAST 
_refine_hist.pdbx_number_atoms_protein        0 
_refine_hist.pdbx_number_atoms_nucleic_acid   202 
_refine_hist.pdbx_number_atoms_ligand         54 
_refine_hist.number_atoms_solvent             22 
_refine_hist.number_atoms_total               278 
_refine_hist.d_res_high                       2.18 
_refine_hist.d_res_low                        33.30 
# 
loop_
_refine_ls_restr.type 
_refine_ls_restr.dev_ideal 
_refine_ls_restr.dev_ideal_target 
_refine_ls_restr.weight 
_refine_ls_restr.number 
_refine_ls_restr.pdbx_restraint_function 
_refine_ls_restr.pdbx_refine_id 
r_bond_refined_d             0.013 0.013 ? 292 ? 'X-RAY DIFFRACTION' 
r_bond_other_d               ?     ?     ? ?   ? 'X-RAY DIFFRACTION' 
r_angle_refined_deg          2.694 1.745 ? 460 ? 'X-RAY DIFFRACTION' 
r_angle_other_deg            ?     ?     ? ?   ? 'X-RAY DIFFRACTION' 
r_dihedral_angle_1_deg       ?     ?     ? ?   ? 'X-RAY DIFFRACTION' 
r_dihedral_angle_2_deg       ?     ?     ? ?   ? 'X-RAY DIFFRACTION' 
r_dihedral_angle_3_deg       ?     ?     ? ?   ? 'X-RAY DIFFRACTION' 
r_dihedral_angle_4_deg       ?     ?     ? ?   ? 'X-RAY DIFFRACTION' 
r_chiral_restr               0.083 0.200 ? 30  ? 'X-RAY DIFFRACTION' 
r_gen_planes_refined         0.014 0.020 ? 160 ? 'X-RAY DIFFRACTION' 
r_gen_planes_other           ?     ?     ? ?   ? 'X-RAY DIFFRACTION' 
r_nbd_refined                ?     ?     ? ?   ? 'X-RAY DIFFRACTION' 
r_nbd_other                  ?     ?     ? ?   ? 'X-RAY DIFFRACTION' 
r_nbtor_refined              ?     ?     ? ?   ? 'X-RAY DIFFRACTION' 
r_nbtor_other                ?     ?     ? ?   ? 'X-RAY DIFFRACTION' 
r_xyhbond_nbd_refined        ?     ?     ? ?   ? 'X-RAY DIFFRACTION' 
r_xyhbond_nbd_other          ?     ?     ? ?   ? 'X-RAY DIFFRACTION' 
r_metal_ion_refined          ?     ?     ? ?   ? 'X-RAY DIFFRACTION' 
r_metal_ion_other            ?     ?     ? ?   ? 'X-RAY DIFFRACTION' 
r_symmetry_vdw_refined       ?     ?     ? ?   ? 'X-RAY DIFFRACTION' 
r_symmetry_vdw_other         ?     ?     ? ?   ? 'X-RAY DIFFRACTION' 
r_symmetry_hbond_refined     ?     ?     ? ?   ? 'X-RAY DIFFRACTION' 
r_symmetry_hbond_other       ?     ?     ? ?   ? 'X-RAY DIFFRACTION' 
r_symmetry_metal_ion_refined ?     ?     ? ?   ? 'X-RAY DIFFRACTION' 
r_symmetry_metal_ion_other   ?     ?     ? ?   ? 'X-RAY DIFFRACTION' 
r_mcbond_it                  ?     ?     ? ?   ? 'X-RAY DIFFRACTION' 
r_mcbond_other               ?     ?     ? ?   ? 'X-RAY DIFFRACTION' 
r_mcangle_it                 ?     ?     ? ?   ? 'X-RAY DIFFRACTION' 
r_scbond_it                  ?     ?     ? ?   ? 'X-RAY DIFFRACTION' 
r_scangle_it                 ?     ?     ? ?   ? 'X-RAY DIFFRACTION' 
r_rigid_bond_restr           ?     ?     ? ?   ? 'X-RAY DIFFRACTION' 
r_sphericity_free            ?     ?     ? ?   ? 'X-RAY DIFFRACTION' 
r_sphericity_bonded          ?     ?     ? ?   ? 'X-RAY DIFFRACTION' 
# 
_refine_ls_shell.pdbx_total_number_of_bins_used   20 
_refine_ls_shell.d_res_high                       2.180 
_refine_ls_shell.d_res_low                        2.237 
_refine_ls_shell.number_reflns_R_work             124 
_refine_ls_shell.R_factor_R_work                  0.348 
_refine_ls_shell.percent_reflns_obs               98.46 
_refine_ls_shell.R_factor_R_free                  0.171 
_refine_ls_shell.R_factor_R_free_error            ? 
_refine_ls_shell.percent_reflns_R_free            ? 
_refine_ls_shell.number_reflns_R_free             4 
_refine_ls_shell.number_reflns_all                ? 
_refine_ls_shell.R_factor_all                     ? 
_refine_ls_shell.number_reflns_obs                ? 
_refine_ls_shell.redundancy_reflns_obs            ? 
_refine_ls_shell.pdbx_refine_id                   'X-RAY DIFFRACTION' 
# 
_struct.entry_id                  4E8X 
_struct.title                     'Lambda-[Ru(TAP)2(dppz-(Me)2)]2+ bound to d(CCGGCGCCGG)2' 
_struct.pdbx_model_details        ? 
_struct.pdbx_CASP_flag            ? 
_struct.pdbx_model_type_details   ? 
# 
_struct_keywords.entry_id        4E8X 
_struct_keywords.pdbx_keywords   DNA 
_struct_keywords.text            'Intercalation, Photoreactive, Lambda-[Ru(TAP)2(dppz-(Me)2)]2+, DNA' 
# 
loop_
_struct_asym.id 
_struct_asym.pdbx_blank_PDB_chainid_flag 
_struct_asym.pdbx_modified 
_struct_asym.entity_id 
_struct_asym.details 
A N N 1 ? 
B N N 2 ? 
C N N 3 ? 
D N N 4 ? 
# 
_struct_ref.id                         1 
_struct_ref.db_name                    PDB 
_struct_ref.db_code                    4E8X 
_struct_ref.pdbx_db_accession          4E8X 
_struct_ref.entity_id                  1 
_struct_ref.pdbx_align_begin           ? 
_struct_ref.pdbx_seq_one_letter_code   CCGGCGCCGG 
_struct_ref.pdbx_db_isoform            ? 
# 
_struct_ref_seq.align_id                      1 
_struct_ref_seq.ref_id                        1 
_struct_ref_seq.pdbx_PDB_id_code              4E8X 
_struct_ref_seq.pdbx_strand_id                A 
_struct_ref_seq.seq_align_beg                 1 
_struct_ref_seq.pdbx_seq_align_beg_ins_code   ? 
_struct_ref_seq.seq_align_end                 10 
_struct_ref_seq.pdbx_seq_align_end_ins_code   ? 
_struct_ref_seq.pdbx_db_accession             4E8X 
_struct_ref_seq.db_align_beg                  1 
_struct_ref_seq.pdbx_db_align_beg_ins_code    ? 
_struct_ref_seq.db_align_end                  10 
_struct_ref_seq.pdbx_db_align_end_ins_code    ? 
_struct_ref_seq.pdbx_auth_seq_align_beg       1 
_struct_ref_seq.pdbx_auth_seq_align_end       10 
# 
_pdbx_struct_assembly.id                   1 
_pdbx_struct_assembly.details              author_and_software_defined_assembly 
_pdbx_struct_assembly.method_details       PISA 
_pdbx_struct_assembly.oligomeric_details   dimeric 
_pdbx_struct_assembly.oligomeric_count     2 
# 
loop_
_pdbx_struct_assembly_prop.biol_id 
_pdbx_struct_assembly_prop.type 
_pdbx_struct_assembly_prop.value 
_pdbx_struct_assembly_prop.details 
1 'ABSA (A^2)' 2110 ? 
1 MORE         -22  ? 
1 'SSA (A^2)'  4380 ? 
# 
_pdbx_struct_assembly_gen.assembly_id       1 
_pdbx_struct_assembly_gen.oper_expression   1,2 
_pdbx_struct_assembly_gen.asym_id_list      A,B,C,D 
# 
loop_
_pdbx_struct_oper_list.id 
_pdbx_struct_oper_list.type 
_pdbx_struct_oper_list.name 
_pdbx_struct_oper_list.symmetry_operation 
_pdbx_struct_oper_list.matrix[1][1] 
_pdbx_struct_oper_list.matrix[1][2] 
_pdbx_struct_oper_list.matrix[1][3] 
_pdbx_struct_oper_list.vector[1] 
_pdbx_struct_oper_list.matrix[2][1] 
_pdbx_struct_oper_list.matrix[2][2] 
_pdbx_struct_oper_list.matrix[2][3] 
_pdbx_struct_oper_list.vector[2] 
_pdbx_struct_oper_list.matrix[3][1] 
_pdbx_struct_oper_list.matrix[3][2] 
_pdbx_struct_oper_list.matrix[3][3] 
_pdbx_struct_oper_list.vector[3] 
1 'identity operation'         1_555 x,y,z  1.0000000000  0.0000000000 0.0000000000 0.0000000000 0.0000000000 1.0000000000  0.0000000000 0.0000000000 0.0000000000 0.0000000000 1.0000000000 0.0000000000  
2 'crystal symmetry operation' 7_555 y,x,-z -0.4843729199 0.1714171849 0.8579038543 2.0261527341 0.1714171849 -0.9430133668 0.2852050820 2.8016434448 0.8579038543 0.2852050820 0.4273862866 -1.7775757074 
# 
_struct_biol.id        1 
_struct_biol.details   ? 
# 
loop_
_struct_conn.id 
_struct_conn.conn_type_id 
_struct_conn.pdbx_leaving_atom_flag 
_struct_conn.pdbx_PDB_id 
_struct_conn.ptnr1_label_asym_id 
_struct_conn.ptnr1_label_comp_id 
_struct_conn.ptnr1_label_seq_id 
_struct_conn.ptnr1_label_atom_id 
_struct_conn.pdbx_ptnr1_label_alt_id 
_struct_conn.pdbx_ptnr1_PDB_ins_code 
_struct_conn.pdbx_ptnr1_standard_comp_id 
_struct_conn.ptnr1_symmetry 
_struct_conn.ptnr2_label_asym_id 
_struct_conn.ptnr2_label_comp_id 
_struct_conn.ptnr2_label_seq_id 
_struct_conn.ptnr2_label_atom_id 
_struct_conn.pdbx_ptnr2_label_alt_id 
_struct_conn.pdbx_ptnr2_PDB_ins_code 
_struct_conn.ptnr1_auth_asym_id 
_struct_conn.ptnr1_auth_comp_id 
_struct_conn.ptnr1_auth_seq_id 
_struct_conn.ptnr2_auth_asym_id 
_struct_conn.ptnr2_auth_comp_id 
_struct_conn.ptnr2_auth_seq_id 
_struct_conn.ptnr2_symmetry 
_struct_conn.pdbx_ptnr3_label_atom_id 
_struct_conn.pdbx_ptnr3_label_seq_id 
_struct_conn.pdbx_ptnr3_label_comp_id 
_struct_conn.pdbx_ptnr3_label_asym_id 
_struct_conn.pdbx_ptnr3_label_alt_id 
_struct_conn.pdbx_ptnr3_PDB_ins_code 
_struct_conn.details 
_struct_conn.pdbx_dist_value 
_struct_conn.pdbx_value_order 
_struct_conn.pdbx_role 
metalc1  metalc ? ? A DG 3  N7 ? ? ? 1_555 B BA  .  BA ? ? A DG 3   A BA  101 1_555 ? ? ? ? ? ? ?            2.950 ? ? 
metalc2  metalc ? ? A DG 4  O6 ? ? ? 1_555 B BA  .  BA ? ? A DG 4   A BA  101 1_555 ? ? ? ? ? ? ?            2.995 ? ? 
metalc3  metalc ? ? B BA .  BA ? ? ? 1_555 D HOH .  O  ? ? A BA 101 A HOH 202 1_555 ? ? ? ? ? ? ?            3.309 ? ? 
metalc4  metalc ? ? B BA .  BA ? ? ? 1_555 D HOH .  O  ? ? A BA 101 A HOH 209 1_555 ? ? ? ? ? ? ?            3.011 ? ? 
metalc5  metalc ? ? B BA .  BA ? ? ? 1_555 D HOH .  O  ? ? A BA 101 A HOH 210 1_555 ? ? ? ? ? ? ?            2.771 ? ? 
hydrog1  hydrog ? ? A DC 1  N4 ? ? ? 1_555 A DG  10 O6 ? ? A DC 1   A DG  10  7_555 ? ? ? ? ? ? 'DC-DG PAIR' ?     ? ? 
hydrog2  hydrog ? ? A DC 2  N3 ? ? ? 1_555 A DG  9  N1 ? ? A DC 2   A DG  9   7_555 ? ? ? ? ? ? WATSON-CRICK ?     ? ? 
hydrog3  hydrog ? ? A DC 2  N4 ? ? ? 1_555 A DG  9  O6 ? ? A DC 2   A DG  9   7_555 ? ? ? ? ? ? WATSON-CRICK ?     ? ? 
hydrog4  hydrog ? ? A DC 2  O2 ? ? ? 1_555 A DG  9  N2 ? ? A DC 2   A DG  9   7_555 ? ? ? ? ? ? WATSON-CRICK ?     ? ? 
hydrog5  hydrog ? ? A DG 3  N1 ? ? ? 1_555 A DC  8  N3 ? ? A DG 3   A DC  8   7_555 ? ? ? ? ? ? WATSON-CRICK ?     ? ? 
hydrog6  hydrog ? ? A DG 3  N2 ? ? ? 1_555 A DC  8  O2 ? ? A DG 3   A DC  8   7_555 ? ? ? ? ? ? WATSON-CRICK ?     ? ? 
hydrog7  hydrog ? ? A DG 3  O6 ? ? ? 1_555 A DC  8  N4 ? ? A DG 3   A DC  8   7_555 ? ? ? ? ? ? WATSON-CRICK ?     ? ? 
hydrog8  hydrog ? ? A DG 4  N1 ? ? ? 1_555 A DC  7  N3 ? ? A DG 4   A DC  7   7_555 ? ? ? ? ? ? WATSON-CRICK ?     ? ? 
hydrog9  hydrog ? ? A DG 4  N2 ? ? ? 1_555 A DC  7  O2 ? ? A DG 4   A DC  7   7_555 ? ? ? ? ? ? WATSON-CRICK ?     ? ? 
hydrog10 hydrog ? ? A DG 4  O6 ? ? ? 1_555 A DC  7  N4 ? ? A DG 4   A DC  7   7_555 ? ? ? ? ? ? WATSON-CRICK ?     ? ? 
hydrog11 hydrog ? ? A DC 5  N3 ? ? ? 1_555 A DG  6  N1 ? ? A DC 5   A DG  6   7_555 ? ? ? ? ? ? WATSON-CRICK ?     ? ? 
hydrog12 hydrog ? ? A DC 5  N4 ? ? ? 1_555 A DG  6  O6 ? ? A DC 5   A DG  6   7_555 ? ? ? ? ? ? WATSON-CRICK ?     ? ? 
hydrog13 hydrog ? ? A DC 5  O2 ? ? ? 1_555 A DG  6  N2 ? ? A DC 5   A DG  6   7_555 ? ? ? ? ? ? WATSON-CRICK ?     ? ? 
hydrog14 hydrog ? ? A DG 6  N1 ? ? ? 1_555 A DC  5  N3 ? ? A DG 6   A DC  5   7_555 ? ? ? ? ? ? WATSON-CRICK ?     ? ? 
hydrog15 hydrog ? ? A DG 6  N2 ? ? ? 1_555 A DC  5  O2 ? ? A DG 6   A DC  5   7_555 ? ? ? ? ? ? WATSON-CRICK ?     ? ? 
hydrog16 hydrog ? ? A DG 6  O6 ? ? ? 1_555 A DC  5  N4 ? ? A DG 6   A DC  5   7_555 ? ? ? ? ? ? WATSON-CRICK ?     ? ? 
hydrog17 hydrog ? ? A DC 7  N3 ? ? ? 1_555 A DG  4  N1 ? ? A DC 7   A DG  4   7_555 ? ? ? ? ? ? WATSON-CRICK ?     ? ? 
hydrog18 hydrog ? ? A DC 7  N4 ? ? ? 1_555 A DG  4  O6 ? ? A DC 7   A DG  4   7_555 ? ? ? ? ? ? WATSON-CRICK ?     ? ? 
hydrog19 hydrog ? ? A DC 7  O2 ? ? ? 1_555 A DG  4  N2 ? ? A DC 7   A DG  4   7_555 ? ? ? ? ? ? WATSON-CRICK ?     ? ? 
hydrog20 hydrog ? ? A DC 8  N3 ? ? ? 1_555 A DG  3  N1 ? ? A DC 8   A DG  3   7_555 ? ? ? ? ? ? WATSON-CRICK ?     ? ? 
hydrog21 hydrog ? ? A DC 8  N4 ? ? ? 1_555 A DG  3  O6 ? ? A DC 8   A DG  3   7_555 ? ? ? ? ? ? WATSON-CRICK ?     ? ? 
hydrog22 hydrog ? ? A DC 8  O2 ? ? ? 1_555 A DG  3  N2 ? ? A DC 8   A DG  3   7_555 ? ? ? ? ? ? WATSON-CRICK ?     ? ? 
hydrog23 hydrog ? ? A DG 9  N1 ? ? ? 1_555 A DC  2  N3 ? ? A DG 9   A DC  2   7_555 ? ? ? ? ? ? WATSON-CRICK ?     ? ? 
hydrog24 hydrog ? ? A DG 9  N2 ? ? ? 1_555 A DC  2  O2 ? ? A DG 9   A DC  2   7_555 ? ? ? ? ? ? WATSON-CRICK ?     ? ? 
hydrog25 hydrog ? ? A DG 9  O6 ? ? ? 1_555 A DC  2  N4 ? ? A DG 9   A DC  2   7_555 ? ? ? ? ? ? WATSON-CRICK ?     ? ? 
hydrog26 hydrog ? ? A DG 10 O6 ? ? ? 1_555 A DC  1  N4 ? ? A DG 10  A DC  1   7_555 ? ? ? ? ? ? 'DG-DC PAIR' ?     ? ? 
# 
loop_
_struct_conn_type.id 
_struct_conn_type.criteria 
_struct_conn_type.reference 
metalc ? ? 
hydrog ? ? 
# 
loop_
_pdbx_struct_conn_angle.id 
_pdbx_struct_conn_angle.ptnr1_label_atom_id 
_pdbx_struct_conn_angle.ptnr1_label_alt_id 
_pdbx_struct_conn_angle.ptnr1_label_asym_id 
_pdbx_struct_conn_angle.ptnr1_label_comp_id 
_pdbx_struct_conn_angle.ptnr1_label_seq_id 
_pdbx_struct_conn_angle.ptnr1_auth_atom_id 
_pdbx_struct_conn_angle.ptnr1_auth_asym_id 
_pdbx_struct_conn_angle.ptnr1_auth_comp_id 
_pdbx_struct_conn_angle.ptnr1_auth_seq_id 
_pdbx_struct_conn_angle.ptnr1_PDB_ins_code 
_pdbx_struct_conn_angle.ptnr1_symmetry 
_pdbx_struct_conn_angle.ptnr2_label_atom_id 
_pdbx_struct_conn_angle.ptnr2_label_alt_id 
_pdbx_struct_conn_angle.ptnr2_label_asym_id 
_pdbx_struct_conn_angle.ptnr2_label_comp_id 
_pdbx_struct_conn_angle.ptnr2_label_seq_id 
_pdbx_struct_conn_angle.ptnr2_auth_atom_id 
_pdbx_struct_conn_angle.ptnr2_auth_asym_id 
_pdbx_struct_conn_angle.ptnr2_auth_comp_id 
_pdbx_struct_conn_angle.ptnr2_auth_seq_id 
_pdbx_struct_conn_angle.ptnr2_PDB_ins_code 
_pdbx_struct_conn_angle.ptnr2_symmetry 
_pdbx_struct_conn_angle.ptnr3_label_atom_id 
_pdbx_struct_conn_angle.ptnr3_label_alt_id 
_pdbx_struct_conn_angle.ptnr3_label_asym_id 
_pdbx_struct_conn_angle.ptnr3_label_comp_id 
_pdbx_struct_conn_angle.ptnr3_label_seq_id 
_pdbx_struct_conn_angle.ptnr3_auth_atom_id 
_pdbx_struct_conn_angle.ptnr3_auth_asym_id 
_pdbx_struct_conn_angle.ptnr3_auth_comp_id 
_pdbx_struct_conn_angle.ptnr3_auth_seq_id 
_pdbx_struct_conn_angle.ptnr3_PDB_ins_code 
_pdbx_struct_conn_angle.ptnr3_symmetry 
_pdbx_struct_conn_angle.value 
_pdbx_struct_conn_angle.value_esd 
1  N7 ? A DG  3 ? A DG  3   ? 1_555 BA ? B BA . ? A BA 101 ? 1_555 O6 ? A DG  4 ? A DG  4   ? 1_555 75.3  ? 
2  N7 ? A DG  3 ? A DG  3   ? 1_555 BA ? B BA . ? A BA 101 ? 1_555 O  ? D HOH . ? A HOH 202 ? 1_555 142.0 ? 
3  O6 ? A DG  4 ? A DG  4   ? 1_555 BA ? B BA . ? A BA 101 ? 1_555 O  ? D HOH . ? A HOH 202 ? 1_555 68.2  ? 
4  N7 ? A DG  3 ? A DG  3   ? 1_555 BA ? B BA . ? A BA 101 ? 1_555 O  ? D HOH . ? A HOH 209 ? 1_555 74.8  ? 
5  O6 ? A DG  4 ? A DG  4   ? 1_555 BA ? B BA . ? A BA 101 ? 1_555 O  ? D HOH . ? A HOH 209 ? 1_555 122.7 ? 
6  O  ? D HOH . ? A HOH 202 ? 1_555 BA ? B BA . ? A BA 101 ? 1_555 O  ? D HOH . ? A HOH 209 ? 1_555 134.9 ? 
7  N7 ? A DG  3 ? A DG  3   ? 1_555 BA ? B BA . ? A BA 101 ? 1_555 O  ? D HOH . ? A HOH 210 ? 1_555 79.0  ? 
8  O6 ? A DG  4 ? A DG  4   ? 1_555 BA ? B BA . ? A BA 101 ? 1_555 O  ? D HOH . ? A HOH 210 ? 1_555 146.6 ? 
9  O  ? D HOH . ? A HOH 202 ? 1_555 BA ? B BA . ? A BA 101 ? 1_555 O  ? D HOH . ? A HOH 210 ? 1_555 128.8 ? 
10 O  ? D HOH . ? A HOH 209 ? 1_555 BA ? B BA . ? A BA 101 ? 1_555 O  ? D HOH . ? A HOH 210 ? 1_555 69.0  ? 
# 
loop_
_struct_site.id 
_struct_site.pdbx_evidence_code 
_struct_site.pdbx_auth_asym_id 
_struct_site.pdbx_auth_comp_id 
_struct_site.pdbx_auth_seq_id 
_struct_site.pdbx_auth_ins_code 
_struct_site.pdbx_num_residues 
_struct_site.details 
AC1 Software A BA  101 ? 4 'BINDING SITE FOR RESIDUE BA A 101'  
AC2 Software A RML 102 ? 9 'BINDING SITE FOR RESIDUE RML A 102' 
# 
loop_
_struct_site_gen.id 
_struct_site_gen.site_id 
_struct_site_gen.pdbx_num_res 
_struct_site_gen.label_comp_id 
_struct_site_gen.label_asym_id 
_struct_site_gen.label_seq_id 
_struct_site_gen.pdbx_auth_ins_code 
_struct_site_gen.auth_comp_id 
_struct_site_gen.auth_asym_id 
_struct_site_gen.auth_seq_id 
_struct_site_gen.label_atom_id 
_struct_site_gen.label_alt_id 
_struct_site_gen.symmetry 
_struct_site_gen.details 
1  AC1 4 DG  A 3  ? DG  A 3   . ? 1_555 ? 
2  AC1 4 DG  A 4  ? DG  A 4   . ? 1_555 ? 
3  AC1 4 HOH D .  ? HOH A 209 . ? 1_555 ? 
4  AC1 4 HOH D .  ? HOH A 210 . ? 1_555 ? 
5  AC2 9 DC  A 1  ? DC  A 1   . ? 1_555 ? 
6  AC2 9 DC  A 2  ? DC  A 2   . ? 1_555 ? 
7  AC2 9 DG  A 3  ? DG  A 3   . ? 4_455 ? 
8  AC2 9 DG  A 3  ? DG  A 3   . ? 1_555 ? 
9  AC2 9 DG  A 4  ? DG  A 4   . ? 4_455 ? 
10 AC2 9 DC  A 7  ? DC  A 7   . ? 6_455 ? 
11 AC2 9 DC  A 8  ? DC  A 8   . ? 6_455 ? 
12 AC2 9 DG  A 9  ? DG  A 9   . ? 7_555 ? 
13 AC2 9 DG  A 10 ? DG  A 10  . ? 7_555 ? 
# 
loop_
_pdbx_validate_rmsd_angle.id 
_pdbx_validate_rmsd_angle.PDB_model_num 
_pdbx_validate_rmsd_angle.auth_atom_id_1 
_pdbx_validate_rmsd_angle.auth_asym_id_1 
_pdbx_validate_rmsd_angle.auth_comp_id_1 
_pdbx_validate_rmsd_angle.auth_seq_id_1 
_pdbx_validate_rmsd_angle.PDB_ins_code_1 
_pdbx_validate_rmsd_angle.label_alt_id_1 
_pdbx_validate_rmsd_angle.auth_atom_id_2 
_pdbx_validate_rmsd_angle.auth_asym_id_2 
_pdbx_validate_rmsd_angle.auth_comp_id_2 
_pdbx_validate_rmsd_angle.auth_seq_id_2 
_pdbx_validate_rmsd_angle.PDB_ins_code_2 
_pdbx_validate_rmsd_angle.label_alt_id_2 
_pdbx_validate_rmsd_angle.auth_atom_id_3 
_pdbx_validate_rmsd_angle.auth_asym_id_3 
_pdbx_validate_rmsd_angle.auth_comp_id_3 
_pdbx_validate_rmsd_angle.auth_seq_id_3 
_pdbx_validate_rmsd_angle.PDB_ins_code_3 
_pdbx_validate_rmsd_angle.label_alt_id_3 
_pdbx_validate_rmsd_angle.angle_value 
_pdbx_validate_rmsd_angle.angle_target_value 
_pdbx_validate_rmsd_angle.angle_deviation 
_pdbx_validate_rmsd_angle.angle_standard_deviation 
_pdbx_validate_rmsd_angle.linker_flag 
1 1 "C3'" A DG 4 ? ? "O3'" A DG 4 ? ? P   A DC 5 ? ? 127.70 119.70 8.00 1.20 Y 
2 1 "O5'" A DG 6 ? ? P     A DG 6 ? ? OP1 A DG 6 ? ? 118.27 110.70 7.57 1.20 N 
3 1 "C3'" A DG 6 ? ? "O3'" A DG 6 ? ? P   A DC 7 ? ? 129.09 119.70 9.39 1.20 Y 
# 
loop_
_chem_comp_atom.comp_id 
_chem_comp_atom.atom_id 
_chem_comp_atom.type_symbol 
_chem_comp_atom.pdbx_aromatic_flag 
_chem_comp_atom.pdbx_stereo_config 
_chem_comp_atom.pdbx_ordinal 
BA  BA     BA N N 1   
DC  OP3    O  N N 2   
DC  P      P  N N 3   
DC  OP1    O  N N 4   
DC  OP2    O  N N 5   
DC  "O5'"  O  N N 6   
DC  "C5'"  C  N N 7   
DC  "C4'"  C  N R 8   
DC  "O4'"  O  N N 9   
DC  "C3'"  C  N S 10  
DC  "O3'"  O  N N 11  
DC  "C2'"  C  N N 12  
DC  "C1'"  C  N R 13  
DC  N1     N  N N 14  
DC  C2     C  N N 15  
DC  O2     O  N N 16  
DC  N3     N  N N 17  
DC  C4     C  N N 18  
DC  N4     N  N N 19  
DC  C5     C  N N 20  
DC  C6     C  N N 21  
DC  HOP3   H  N N 22  
DC  HOP2   H  N N 23  
DC  "H5'"  H  N N 24  
DC  "H5''" H  N N 25  
DC  "H4'"  H  N N 26  
DC  "H3'"  H  N N 27  
DC  "HO3'" H  N N 28  
DC  "H2'"  H  N N 29  
DC  "H2''" H  N N 30  
DC  "H1'"  H  N N 31  
DC  H41    H  N N 32  
DC  H42    H  N N 33  
DC  H5     H  N N 34  
DC  H6     H  N N 35  
DG  OP3    O  N N 36  
DG  P      P  N N 37  
DG  OP1    O  N N 38  
DG  OP2    O  N N 39  
DG  "O5'"  O  N N 40  
DG  "C5'"  C  N N 41  
DG  "C4'"  C  N R 42  
DG  "O4'"  O  N N 43  
DG  "C3'"  C  N S 44  
DG  "O3'"  O  N N 45  
DG  "C2'"  C  N N 46  
DG  "C1'"  C  N R 47  
DG  N9     N  Y N 48  
DG  C8     C  Y N 49  
DG  N7     N  Y N 50  
DG  C5     C  Y N 51  
DG  C6     C  N N 52  
DG  O6     O  N N 53  
DG  N1     N  N N 54  
DG  C2     C  N N 55  
DG  N2     N  N N 56  
DG  N3     N  N N 57  
DG  C4     C  Y N 58  
DG  HOP3   H  N N 59  
DG  HOP2   H  N N 60  
DG  "H5'"  H  N N 61  
DG  "H5''" H  N N 62  
DG  "H4'"  H  N N 63  
DG  "H3'"  H  N N 64  
DG  "HO3'" H  N N 65  
DG  "H2'"  H  N N 66  
DG  "H2''" H  N N 67  
DG  "H1'"  H  N N 68  
DG  H8     H  N N 69  
DG  H1     H  N N 70  
DG  H21    H  N N 71  
DG  H22    H  N N 72  
HOH O      O  N N 73  
HOH H1     H  N N 74  
HOH H2     H  N N 75  
RML C53    C  N N 76  
RML C17    C  Y N 77  
RML C18    C  Y N 78  
RML C52    C  N N 79  
RML C14    C  Y N 80  
RML C16    C  Y N 81  
RML C15    C  Y N 82  
RML N3     N  Y N 83  
RML C13    C  Y N 84  
RML N4     N  Y N 85  
RML C7     C  Y N 86  
RML C6     C  Y N 87  
RML C5     C  Y N 88  
RML C4     C  Y N 89  
RML C3     C  Y N 90  
RML C2     C  Y N 91  
RML C8     C  Y N 92  
RML C10    C  Y N 93  
RML C1     C  Y N 94  
RML N2     N  Y N 95  
RML N1     N  Y N 96  
RML C12    C  Y N 97  
RML C11    C  Y N 98  
RML C9     C  Y N 99  
RML RU     RU N N 100 
RML N8     N  Y N 101 
RML C28    C  Y N 102 
RML C27    C  Y N 103 
RML N7     N  Y N 104 
RML C26    C  Y N 105 
RML C25    C  Y N 106 
RML C24    C  Y N 107 
RML C23    C  Y N 108 
RML C22    C  Y N 109 
RML N6     N  Y N 110 
RML C19    C  Y N 111 
RML N5     N  Y N 112 
RML C20    C  Y N 113 
RML C21    C  Y N 114 
RML N12    N  Y N 115 
RML C38    C  Y N 116 
RML C37    C  Y N 117 
RML N11    N  Y N 118 
RML C36    C  Y N 119 
RML C29    C  Y N 120 
RML N9     N  Y N 121 
RML C30    C  Y N 122 
RML C31    C  Y N 123 
RML C35    C  Y N 124 
RML C34    C  Y N 125 
RML C33    C  Y N 126 
RML C32    C  Y N 127 
RML N10    N  Y N 128 
RML H1     H  N N 129 
RML H2     H  N N 130 
RML H3     H  N N 131 
RML H4     H  N N 132 
RML H5     H  N N 133 
RML H6     H  N N 134 
RML H7     H  N N 135 
RML H8     H  N N 136 
RML H9     H  N N 137 
RML H10    H  N N 138 
RML H11    H  N N 139 
RML H12    H  N N 140 
RML H13    H  N N 141 
RML H14    H  N N 142 
RML H15    H  N N 143 
RML H16    H  N N 144 
RML H17    H  N N 145 
RML H18    H  N N 146 
RML H19    H  N N 147 
RML H20    H  N N 148 
RML H21    H  N N 149 
RML H22    H  N N 150 
RML H23    H  N N 151 
RML H24    H  N N 152 
RML H25    H  N N 153 
RML H26    H  N N 154 
# 
loop_
_chem_comp_bond.comp_id 
_chem_comp_bond.atom_id_1 
_chem_comp_bond.atom_id_2 
_chem_comp_bond.value_order 
_chem_comp_bond.pdbx_aromatic_flag 
_chem_comp_bond.pdbx_stereo_config 
_chem_comp_bond.pdbx_ordinal 
DC  OP3   P      sing N N 1   
DC  OP3   HOP3   sing N N 2   
DC  P     OP1    doub N N 3   
DC  P     OP2    sing N N 4   
DC  P     "O5'"  sing N N 5   
DC  OP2   HOP2   sing N N 6   
DC  "O5'" "C5'"  sing N N 7   
DC  "C5'" "C4'"  sing N N 8   
DC  "C5'" "H5'"  sing N N 9   
DC  "C5'" "H5''" sing N N 10  
DC  "C4'" "O4'"  sing N N 11  
DC  "C4'" "C3'"  sing N N 12  
DC  "C4'" "H4'"  sing N N 13  
DC  "O4'" "C1'"  sing N N 14  
DC  "C3'" "O3'"  sing N N 15  
DC  "C3'" "C2'"  sing N N 16  
DC  "C3'" "H3'"  sing N N 17  
DC  "O3'" "HO3'" sing N N 18  
DC  "C2'" "C1'"  sing N N 19  
DC  "C2'" "H2'"  sing N N 20  
DC  "C2'" "H2''" sing N N 21  
DC  "C1'" N1     sing N N 22  
DC  "C1'" "H1'"  sing N N 23  
DC  N1    C2     sing N N 24  
DC  N1    C6     sing N N 25  
DC  C2    O2     doub N N 26  
DC  C2    N3     sing N N 27  
DC  N3    C4     doub N N 28  
DC  C4    N4     sing N N 29  
DC  C4    C5     sing N N 30  
DC  N4    H41    sing N N 31  
DC  N4    H42    sing N N 32  
DC  C5    C6     doub N N 33  
DC  C5    H5     sing N N 34  
DC  C6    H6     sing N N 35  
DG  OP3   P      sing N N 36  
DG  OP3   HOP3   sing N N 37  
DG  P     OP1    doub N N 38  
DG  P     OP2    sing N N 39  
DG  P     "O5'"  sing N N 40  
DG  OP2   HOP2   sing N N 41  
DG  "O5'" "C5'"  sing N N 42  
DG  "C5'" "C4'"  sing N N 43  
DG  "C5'" "H5'"  sing N N 44  
DG  "C5'" "H5''" sing N N 45  
DG  "C4'" "O4'"  sing N N 46  
DG  "C4'" "C3'"  sing N N 47  
DG  "C4'" "H4'"  sing N N 48  
DG  "O4'" "C1'"  sing N N 49  
DG  "C3'" "O3'"  sing N N 50  
DG  "C3'" "C2'"  sing N N 51  
DG  "C3'" "H3'"  sing N N 52  
DG  "O3'" "HO3'" sing N N 53  
DG  "C2'" "C1'"  sing N N 54  
DG  "C2'" "H2'"  sing N N 55  
DG  "C2'" "H2''" sing N N 56  
DG  "C1'" N9     sing N N 57  
DG  "C1'" "H1'"  sing N N 58  
DG  N9    C8     sing Y N 59  
DG  N9    C4     sing Y N 60  
DG  C8    N7     doub Y N 61  
DG  C8    H8     sing N N 62  
DG  N7    C5     sing Y N 63  
DG  C5    C6     sing N N 64  
DG  C5    C4     doub Y N 65  
DG  C6    O6     doub N N 66  
DG  C6    N1     sing N N 67  
DG  N1    C2     sing N N 68  
DG  N1    H1     sing N N 69  
DG  C2    N2     sing N N 70  
DG  C2    N3     doub N N 71  
DG  N2    H21    sing N N 72  
DG  N2    H22    sing N N 73  
DG  N3    C4     sing N N 74  
HOH O     H1     sing N N 75  
HOH O     H2     sing N N 76  
RML C23   C24    doub Y N 77  
RML C23   C22    sing Y N 78  
RML C24   C25    sing Y N 79  
RML N6    C22    doub Y N 80  
RML N6    C21    sing Y N 81  
RML C22   C19    sing Y N 82  
RML C25   N7     doub Y N 83  
RML C25   C26    sing Y N 84  
RML N7    C27    sing Y N 85  
RML C21   C20    doub Y N 86  
RML C19   C26    sing Y N 87  
RML C19   N5     doub Y N 88  
RML C26   N8     doub Y N 89  
RML C27   C28    doub Y N 90  
RML C20   N5     sing Y N 91  
RML N5    RU     sing N N 92  
RML N8    C28    sing Y N 93  
RML N8    RU     sing N N 94  
RML C38   C37    doub Y N 95  
RML C38   N12    sing Y N 96  
RML C37   N11    sing Y N 97  
RML C12   N1     doub Y N 98  
RML C12   C11    sing Y N 99  
RML N12   RU     sing N N 100 
RML N12   C36    doub Y N 101 
RML RU    N1     sing N N 102 
RML RU    N2     sing N N 103 
RML RU    N9     sing N N 104 
RML N1    C10    sing Y N 105 
RML C11   C9     doub Y N 106 
RML N11   C35    doub Y N 107 
RML C36   C35    sing Y N 108 
RML C36   C29    sing Y N 109 
RML C9    C8     sing Y N 110 
RML C10   C8     doub Y N 111 
RML C10   C1     sing Y N 112 
RML C35   C34    sing Y N 113 
RML N2    C2     doub Y N 114 
RML N2    C1     sing Y N 115 
RML C2    C3     sing Y N 116 
RML C8    C7     sing Y N 117 
RML C1    C5     doub Y N 118 
RML N9    C29    doub Y N 119 
RML N9    C30    sing Y N 120 
RML C29   C32    sing Y N 121 
RML C34   C33    doub Y N 122 
RML C3    C4     doub Y N 123 
RML C7    N4     doub Y N 124 
RML C7    C6     sing Y N 125 
RML C30   C31    doub Y N 126 
RML C5    C4     sing Y N 127 
RML C5    C6     sing Y N 128 
RML N4    C13    sing Y N 129 
RML C6    N3     doub Y N 130 
RML C32   C33    sing Y N 131 
RML C32   N10    doub Y N 132 
RML C31   N10    sing Y N 133 
RML C13   C14    doub Y N 134 
RML C13   C15    sing Y N 135 
RML N3    C15    sing Y N 136 
RML C14   C18    sing Y N 137 
RML C15   C16    doub Y N 138 
RML C18   C52    sing N N 139 
RML C18   C17    doub Y N 140 
RML C16   C17    sing Y N 141 
RML C17   C53    sing N N 142 
RML C53   H1     sing N N 143 
RML C53   H2     sing N N 144 
RML C53   H3     sing N N 145 
RML C52   H4     sing N N 146 
RML C52   H5     sing N N 147 
RML C52   H6     sing N N 148 
RML C14   H7     sing N N 149 
RML C16   H8     sing N N 150 
RML C4    H9     sing N N 151 
RML C3    H10    sing N N 152 
RML C2    H11    sing N N 153 
RML C12   H12    sing N N 154 
RML C11   H13    sing N N 155 
RML C9    H14    sing N N 156 
RML C28   H15    sing N N 157 
RML C27   H16    sing N N 158 
RML C24   H17    sing N N 159 
RML C23   H18    sing N N 160 
RML C20   H19    sing N N 161 
RML C21   H20    sing N N 162 
RML C38   H21    sing N N 163 
RML C37   H22    sing N N 164 
RML C30   H23    sing N N 165 
RML C31   H24    sing N N 166 
RML C34   H25    sing N N 167 
RML C33   H26    sing N N 168 
# 
loop_
_ndb_struct_conf_na.entry_id 
_ndb_struct_conf_na.feature 
4E8X 'double helix'        
4E8X 'b-form double helix' 
# 
loop_
_ndb_struct_na_base_pair.model_number 
_ndb_struct_na_base_pair.i_label_asym_id 
_ndb_struct_na_base_pair.i_label_comp_id 
_ndb_struct_na_base_pair.i_label_seq_id 
_ndb_struct_na_base_pair.i_symmetry 
_ndb_struct_na_base_pair.j_label_asym_id 
_ndb_struct_na_base_pair.j_label_comp_id 
_ndb_struct_na_base_pair.j_label_seq_id 
_ndb_struct_na_base_pair.j_symmetry 
_ndb_struct_na_base_pair.shear 
_ndb_struct_na_base_pair.stretch 
_ndb_struct_na_base_pair.stagger 
_ndb_struct_na_base_pair.buckle 
_ndb_struct_na_base_pair.propeller 
_ndb_struct_na_base_pair.opening 
_ndb_struct_na_base_pair.pair_number 
_ndb_struct_na_base_pair.pair_name 
_ndb_struct_na_base_pair.i_auth_asym_id 
_ndb_struct_na_base_pair.i_auth_seq_id 
_ndb_struct_na_base_pair.i_PDB_ins_code 
_ndb_struct_na_base_pair.j_auth_asym_id 
_ndb_struct_na_base_pair.j_auth_seq_id 
_ndb_struct_na_base_pair.j_PDB_ins_code 
_ndb_struct_na_base_pair.hbond_type_28 
_ndb_struct_na_base_pair.hbond_type_12 
1 A DC 1 1_555 A DG 10 7_555 0.027  1.946  0.019  6.633   11.489 -81.168 1  A_DC1:DG10_A A 1 ? A 10 ? ?  ? 
1 A DC 1 1_555 A DG 10 1_555 0.027  1.946  0.019  6.633   11.489 -81.168 2  A_DC1:DG10_A A 1 ? A 10 ? ?  ? 
1 A DC 2 1_555 A DG 9  7_555 -0.211 -0.115 -0.126 -0.574  1.566  1.446   3  A_DC2:DG9_A  A 2 ? A 9  ? 19 1 
1 A DG 3 1_555 A DC 8  7_555 -0.695 0.138  0.384  27.212  -7.059 5.084   4  A_DG3:DC8_A  A 3 ? A 8  ? 19 1 
1 A DG 4 1_555 A DC 7  7_555 -0.766 -0.161 -0.014 -7.249  2.422  -2.850  5  A_DG4:DC7_A  A 4 ? A 7  ? 19 1 
1 A DC 5 1_555 A DG 6  7_555 -0.070 -0.088 0.209  3.454   -0.118 1.527   6  A_DC5:DG6_A  A 5 ? A 6  ? 19 1 
1 A DG 6 1_555 A DC 5  7_555 0.070  -0.088 0.209  -3.454  -0.118 1.527   7  A_DG6:DC5_A  A 6 ? A 5  ? 19 1 
1 A DC 7 1_555 A DG 4  7_555 0.766  -0.161 -0.014 7.249   2.422  -2.850  8  A_DC7:DG4_A  A 7 ? A 4  ? 19 1 
1 A DC 8 1_555 A DG 3  7_555 0.695  0.138  0.384  -27.212 -7.059 5.084   9  A_DC8:DG3_A  A 8 ? A 3  ? 19 1 
1 A DG 9 1_555 A DC 2  7_555 0.211  -0.115 -0.126 0.574   1.566  1.446   10 A_DG9:DC2_A  A 9 ? A 2  ? 19 1 
# 
loop_
_ndb_struct_na_base_pair_step.model_number 
_ndb_struct_na_base_pair_step.i_label_asym_id_1 
_ndb_struct_na_base_pair_step.i_label_comp_id_1 
_ndb_struct_na_base_pair_step.i_label_seq_id_1 
_ndb_struct_na_base_pair_step.i_symmetry_1 
_ndb_struct_na_base_pair_step.j_label_asym_id_1 
_ndb_struct_na_base_pair_step.j_label_comp_id_1 
_ndb_struct_na_base_pair_step.j_label_seq_id_1 
_ndb_struct_na_base_pair_step.j_symmetry_1 
_ndb_struct_na_base_pair_step.i_label_asym_id_2 
_ndb_struct_na_base_pair_step.i_label_comp_id_2 
_ndb_struct_na_base_pair_step.i_label_seq_id_2 
_ndb_struct_na_base_pair_step.i_symmetry_2 
_ndb_struct_na_base_pair_step.j_label_asym_id_2 
_ndb_struct_na_base_pair_step.j_label_comp_id_2 
_ndb_struct_na_base_pair_step.j_label_seq_id_2 
_ndb_struct_na_base_pair_step.j_symmetry_2 
_ndb_struct_na_base_pair_step.shift 
_ndb_struct_na_base_pair_step.slide 
_ndb_struct_na_base_pair_step.rise 
_ndb_struct_na_base_pair_step.tilt 
_ndb_struct_na_base_pair_step.roll 
_ndb_struct_na_base_pair_step.twist 
_ndb_struct_na_base_pair_step.x_displacement 
_ndb_struct_na_base_pair_step.y_displacement 
_ndb_struct_na_base_pair_step.helical_rise 
_ndb_struct_na_base_pair_step.inclination 
_ndb_struct_na_base_pair_step.tip 
_ndb_struct_na_base_pair_step.helical_twist 
_ndb_struct_na_base_pair_step.step_number 
_ndb_struct_na_base_pair_step.step_name 
_ndb_struct_na_base_pair_step.i_auth_asym_id_1 
_ndb_struct_na_base_pair_step.i_auth_seq_id_1 
_ndb_struct_na_base_pair_step.i_PDB_ins_code_1 
_ndb_struct_na_base_pair_step.j_auth_asym_id_1 
_ndb_struct_na_base_pair_step.j_auth_seq_id_1 
_ndb_struct_na_base_pair_step.j_PDB_ins_code_1 
_ndb_struct_na_base_pair_step.i_auth_asym_id_2 
_ndb_struct_na_base_pair_step.i_auth_seq_id_2 
_ndb_struct_na_base_pair_step.i_PDB_ins_code_2 
_ndb_struct_na_base_pair_step.j_auth_asym_id_2 
_ndb_struct_na_base_pair_step.j_auth_seq_id_2 
_ndb_struct_na_base_pair_step.j_PDB_ins_code_2 
1 A DC 2 1_555 A DG 9 7_555 A DG 3 1_555 A DC 8 7_555 0.178  1.614 2.748 -1.302 8.218  21.343 1.351  -0.879 3.128 21.180 3.355  
22.890 1 AA_DC2DG3:DC8DG9_AA A 2 ? A 9 ? A 3 ? A 8 ? 
1 A DG 3 1_555 A DC 8 7_555 A DG 4 1_555 A DC 7 7_555 -0.230 0.872 5.075 -1.237 50.321 17.574 -5.002 0.110  2.558 71.968 1.769  
53.127 2 AA_DG3DG4:DC7DC8_AA A 3 ? A 8 ? A 4 ? A 7 ? 
1 A DG 4 1_555 A DC 7 7_555 A DC 5 1_555 A DG 6 7_555 -0.625 0.207 3.243 -2.584 -1.881 35.524 0.609  0.647  3.264 -3.076 4.225  
35.663 3 AA_DG4DC5:DG6DC7_AA A 4 ? A 7 ? A 5 ? A 6 ? 
1 A DC 5 1_555 A DG 6 7_555 A DG 6 1_555 A DC 5 7_555 0.000  1.221 4.384 0.000  39.640 25.280 -3.759 0.000  3.437 58.737 0.000  
46.740 4 AA_DC5DG6:DC5DG6_AA A 5 ? A 6 ? A 6 ? A 5 ? 
1 A DG 6 1_555 A DC 5 7_555 A DC 7 1_555 A DG 4 7_555 0.625  0.207 3.243 2.584  -1.881 35.524 0.609  -0.647 3.264 -3.076 -4.225 
35.663 5 AA_DG6DC7:DG4DC5_AA A 6 ? A 5 ? A 7 ? A 4 ? 
1 A DC 7 1_555 A DG 4 7_555 A DC 8 1_555 A DG 3 7_555 0.230  0.872 5.075 1.237  50.321 17.574 -5.002 -0.110 2.558 71.968 -1.769 
53.127 6 AA_DC7DC8:DG3DG4_AA A 7 ? A 4 ? A 8 ? A 3 ? 
1 A DC 8 1_555 A DG 3 7_555 A DG 9 1_555 A DC 2 7_555 -0.178 1.614 2.748 1.302  8.218  21.343 1.350  0.879  3.128 21.180 -3.355 
22.890 7 AA_DC8DG9:DC2DG3_AA A 8 ? A 3 ? A 9 ? A 2 ? 
# 
_atom_sites.entry_id                    4E8X 
_atom_sites.fract_transf_matrix[1][1]   0.00302532 
_atom_sites.fract_transf_matrix[1][2]   0.00459471 
_atom_sites.fract_transf_matrix[1][3]   -0.02051106 
_atom_sites.fract_transf_matrix[2][1]   -0.01827429 
_atom_sites.fract_transf_matrix[2][2]   -0.00966414 
_atom_sites.fract_transf_matrix[2][3]   -0.00486028 
_atom_sites.fract_transf_matrix[3][1]   -0.01432967 
_atom_sites.fract_transf_matrix[3][2]   0.02530825 
_atom_sites.fract_transf_matrix[3][3]   0.00355575 
_atom_sites.fract_transf_vector[1]      0.224527 
_atom_sites.fract_transf_vector[2]      0.279990 
_atom_sites.fract_transf_vector[3]      -0.017775 
# 
loop_
_atom_type.symbol 
BA 
C  
N  
O  
P  
RU 
# 
loop_
_atom_site.group_PDB 
_atom_site.id 
_atom_site.type_symbol 
_atom_site.label_atom_id 
_atom_site.label_alt_id 
_atom_site.label_comp_id 
_atom_site.label_asym_id 
_atom_site.label_entity_id 
_atom_site.label_seq_id 
_atom_site.pdbx_PDB_ins_code 
_atom_site.Cartn_x 
_atom_site.Cartn_y 
_atom_site.Cartn_z 
_atom_site.occupancy 
_atom_site.B_iso_or_equiv 
_atom_site.pdbx_formal_charge 
_atom_site.auth_seq_id 
_atom_site.auth_comp_id 
_atom_site.auth_asym_id 
_atom_site.auth_atom_id 
_atom_site.pdbx_PDB_model_num 
ATOM   1   O  "O5'" . DC  A 1 1  ? -4.718  14.161  10.406  0.70 54.56 ? 1   DC  A "O5'" 1 
ATOM   2   C  "C5'" . DC  A 1 1  ? -4.015  13.304  11.329  0.70 46.93 ? 1   DC  A "C5'" 1 
ATOM   3   C  "C4'" . DC  A 1 1  ? -4.576  11.901  11.274  0.70 41.74 ? 1   DC  A "C4'" 1 
ATOM   4   O  "O4'" . DC  A 1 1  ? -5.987  11.942  10.975  0.70 35.15 ? 1   DC  A "O4'" 1 
ATOM   5   C  "C3'" . DC  A 1 1  ? -3.958  11.000  10.214  0.70 40.50 ? 1   DC  A "C3'" 1 
ATOM   6   O  "O3'" . DC  A 1 1  ? -4.134  9.643   10.592  0.70 41.40 ? 1   DC  A "O3'" 1 
ATOM   7   C  "C2'" . DC  A 1 1  ? -4.913  11.142  9.057   0.70 40.11 ? 1   DC  A "C2'" 1 
ATOM   8   C  "C1'" . DC  A 1 1  ? -6.250  11.274  9.763   0.70 38.63 ? 1   DC  A "C1'" 1 
ATOM   9   N  N1    . DC  A 1 1  ? -7.179  12.101  8.993   0.70 40.90 ? 1   DC  A N1    1 
ATOM   10  C  C2    . DC  A 1 1  ? -8.518  11.722  8.898   0.70 39.49 ? 1   DC  A C2    1 
ATOM   11  O  O2    . DC  A 1 1  ? -8.906  10.729  9.529   0.70 36.39 ? 1   DC  A O2    1 
ATOM   12  N  N3    . DC  A 1 1  ? -9.365  12.475  8.159   0.70 42.58 ? 1   DC  A N3    1 
ATOM   13  C  C4    . DC  A 1 1  ? -8.910  13.552  7.513   0.70 43.14 ? 1   DC  A C4    1 
ATOM   14  N  N4    . DC  A 1 1  ? -9.778  14.268  6.800   0.70 45.87 ? 1   DC  A N4    1 
ATOM   15  C  C5    . DC  A 1 1  ? -7.544  13.947  7.576   0.70 43.16 ? 1   DC  A C5    1 
ATOM   16  C  C6    . DC  A 1 1  ? -6.720  13.194  8.312   0.70 42.67 ? 1   DC  A C6    1 
ATOM   17  P  P     . DC  A 1 2  ? -2.870  8.706   10.616  0.70 41.19 ? 2   DC  A P     1 
ATOM   18  O  OP1   . DC  A 1 2  ? -2.716  8.216   12.002  0.70 42.13 ? 2   DC  A OP1   1 
ATOM   19  O  OP2   . DC  A 1 2  ? -1.717  9.291   9.875   0.70 43.77 ? 2   DC  A OP2   1 
ATOM   20  O  "O5'" . DC  A 1 2  ? -3.435  7.506   9.744   1.00 44.39 ? 2   DC  A "O5'" 1 
ATOM   21  C  "C5'" . DC  A 1 2  ? -2.522  6.578   9.158   1.00 33.31 ? 2   DC  A "C5'" 1 
ATOM   22  C  "C4'" . DC  A 1 2  ? -3.168  5.222   9.028   1.00 27.90 ? 2   DC  A "C4'" 1 
ATOM   23  O  "O4'" . DC  A 1 2  ? -4.537  5.359   8.621   1.00 28.22 ? 2   DC  A "O4'" 1 
ATOM   24  C  "C3'" . DC  A 1 2  ? -2.499  4.380   7.964   1.00 28.17 ? 2   DC  A "C3'" 1 
ATOM   25  O  "O3'" . DC  A 1 2  ? -1.664  3.459   8.668   1.00 28.73 ? 2   DC  A "O3'" 1 
ATOM   26  C  "C2'" . DC  A 1 2  ? -3.640  3.677   7.257   1.00 28.69 ? 2   DC  A "C2'" 1 
ATOM   27  C  "C1'" . DC  A 1 2  ? -4.876  4.465   7.579   1.00 28.55 ? 2   DC  A "C1'" 1 
ATOM   28  N  N1    . DC  A 1 2  ? -5.426  5.261   6.464   1.00 31.66 ? 2   DC  A N1    1 
ATOM   29  C  C2    . DC  A 1 2  ? -6.816  5.276   6.266   1.00 30.05 ? 2   DC  A C2    1 
ATOM   30  O  O2    . DC  A 1 2  ? -7.537  4.591   7.003   1.00 30.92 ? 2   DC  A O2    1 
ATOM   31  N  N3    . DC  A 1 2  ? -7.335  6.026   5.268   1.00 32.35 ? 2   DC  A N3    1 
ATOM   32  C  C4    . DC  A 1 2  ? -6.532  6.762   4.497   1.00 29.84 ? 2   DC  A C4    1 
ATOM   33  N  N4    . DC  A 1 2  ? -7.096  7.497   3.538   1.00 27.32 ? 2   DC  A N4    1 
ATOM   34  C  C5    . DC  A 1 2  ? -5.113  6.771   4.675   1.00 31.31 ? 2   DC  A C5    1 
ATOM   35  C  C6    . DC  A 1 2  ? -4.608  6.011   5.662   1.00 32.37 ? 2   DC  A C6    1 
ATOM   36  P  P     . DG  A 1 3  ? -0.732  2.564   7.808   1.00 26.99 ? 3   DG  A P     1 
ATOM   37  O  OP1   . DG  A 1 3  ? 0.271   1.937   8.669   1.00 34.45 ? 3   DG  A OP1   1 
ATOM   38  O  OP2   . DG  A 1 3  ? -0.343  3.270   6.598   1.00 27.82 ? 3   DG  A OP2   1 
ATOM   39  O  "O5'" . DG  A 1 3  ? -1.786  1.434   7.455   1.00 32.15 ? 3   DG  A "O5'" 1 
ATOM   40  C  "C5'" . DG  A 1 3  ? -2.079  0.392   8.390   1.00 32.98 ? 3   DG  A "C5'" 1 
ATOM   41  C  "C4'" . DG  A 1 3  ? -3.088  -0.530  7.753   1.00 33.36 ? 3   DG  A "C4'" 1 
ATOM   42  O  "O4'" . DG  A 1 3  ? -4.271  0.224   7.413   1.00 33.53 ? 3   DG  A "O4'" 1 
ATOM   43  C  "C3'" . DG  A 1 3  ? -2.643  -1.153  6.438   1.00 32.73 ? 3   DG  A "C3'" 1 
ATOM   44  O  "O3'" . DG  A 1 3  ? -2.043  -2.390  6.769   1.00 35.01 ? 3   DG  A "O3'" 1 
ATOM   45  C  "C2'" . DG  A 1 3  ? -3.961  -1.438  5.749   1.00 29.93 ? 3   DG  A "C2'" 1 
ATOM   46  C  "C1'" . DG  A 1 3  ? -4.799  -0.239  6.172   1.00 30.42 ? 3   DG  A "C1'" 1 
ATOM   47  N  N9    . DG  A 1 3  ? -4.772  0.879   5.239   1.00 30.93 ? 3   DG  A N9    1 
ATOM   48  C  C8    . DG  A 1 3  ? -3.665  1.466   4.678   1.00 28.29 ? 3   DG  A C8    1 
ATOM   49  N  N7    . DG  A 1 3  ? -3.960  2.455   3.881   1.00 30.69 ? 3   DG  A N7    1 
ATOM   50  C  C5    . DG  A 1 3  ? -5.346  2.542   3.938   1.00 32.67 ? 3   DG  A C5    1 
ATOM   51  C  C6    . DG  A 1 3  ? -6.242  3.430   3.288   1.00 32.53 ? 3   DG  A C6    1 
ATOM   52  O  O6    . DG  A 1 3  ? -5.983  4.354   2.516   1.00 34.15 ? 3   DG  A O6    1 
ATOM   53  N  N1    . DG  A 1 3  ? -7.562  3.168   3.629   1.00 32.60 ? 3   DG  A N1    1 
ATOM   54  C  C2    . DG  A 1 3  ? -7.975  2.195   4.498   1.00 34.65 ? 3   DG  A C2    1 
ATOM   55  N  N2    . DG  A 1 3  ? -9.304  2.097   4.691   1.00 32.46 ? 3   DG  A N2    1 
ATOM   56  N  N3    . DG  A 1 3  ? -7.154  1.348   5.100   1.00 35.24 ? 3   DG  A N3    1 
ATOM   57  C  C4    . DG  A 1 3  ? -5.862  1.581   4.778   1.00 32.23 ? 3   DG  A C4    1 
ATOM   58  P  P     . DG  A 1 4  ? -0.789  -2.931  5.996   1.00 32.20 ? 4   DG  A P     1 
ATOM   59  O  OP1   . DG  A 1 4  ? -0.509  -4.195  6.718   1.00 37.44 ? 4   DG  A OP1   1 
ATOM   60  O  OP2   . DG  A 1 4  ? 0.249   -1.894  5.857   1.00 37.18 ? 4   DG  A OP2   1 
ATOM   61  O  "O5'" . DG  A 1 4  ? -1.382  -3.367  4.597   1.00 30.82 ? 4   DG  A "O5'" 1 
ATOM   62  C  "C5'" . DG  A 1 4  ? -2.251  -4.494  4.597   1.00 29.97 ? 4   DG  A "C5'" 1 
ATOM   63  C  "C4'" . DG  A 1 4  ? -2.602  -4.843  3.177   1.00 28.70 ? 4   DG  A "C4'" 1 
ATOM   64  O  "O4'" . DG  A 1 4  ? -3.285  -3.726  2.577   1.00 27.92 ? 4   DG  A "O4'" 1 
ATOM   65  C  "C3'" . DG  A 1 4  ? -1.390  -5.127  2.299   1.00 29.00 ? 4   DG  A "C3'" 1 
ATOM   66  O  "O3'" . DG  A 1 4  ? -1.953  -6.072  1.419   1.00 31.55 ? 4   DG  A "O3'" 1 
ATOM   67  C  "C2'" . DG  A 1 4  ? -1.184  -3.835  1.541   1.00 31.07 ? 4   DG  A "C2'" 1 
ATOM   68  C  "C1'" . DG  A 1 4  ? -2.602  -3.317  1.409   1.00 28.92 ? 4   DG  A "C1'" 1 
ATOM   69  N  N9    . DG  A 1 4  ? -2.684  -1.867  1.340   1.00 27.12 ? 4   DG  A N9    1 
ATOM   70  C  C8    . DG  A 1 4  ? -1.937  -0.958  2.041   1.00 25.50 ? 4   DG  A C8    1 
ATOM   71  N  N7    . DG  A 1 4  ? -2.239  0.278   1.755   1.00 25.54 ? 4   DG  A N7    1 
ATOM   72  C  C5    . DG  A 1 4  ? -3.261  0.176   0.826   1.00 24.28 ? 4   DG  A C5    1 
ATOM   73  C  C6    . DG  A 1 4  ? -3.982  1.179   0.149   1.00 26.20 ? 4   DG  A C6    1 
ATOM   74  O  O6    . DG  A 1 4  ? -3.876  2.405   0.251   1.00 28.97 ? 4   DG  A O6    1 
ATOM   75  N  N1    . DG  A 1 4  ? -4.909  0.636   -0.729  1.00 28.61 ? 4   DG  A N1    1 
ATOM   76  C  C2    . DG  A 1 4  ? -5.131  -0.699  -0.916  1.00 25.10 ? 4   DG  A C2    1 
ATOM   77  N  N2    . DG  A 1 4  ? -6.084  -1.024  -1.800  1.00 25.27 ? 4   DG  A N2    1 
ATOM   78  N  N3    . DG  A 1 4  ? -4.465  -1.645  -0.292  1.00 26.84 ? 4   DG  A N3    1 
ATOM   79  C  C4    . DG  A 1 4  ? -3.551  -1.138  0.560   1.00 26.97 ? 4   DG  A C4    1 
ATOM   80  P  P     . DC  A 1 5  ? -1.209  -7.061  0.489   1.00 26.48 ? 5   DC  A P     1 
ATOM   81  O  OP1   . DC  A 1 5  ? -1.740  -8.318  1.007   1.00 33.34 ? 5   DC  A OP1   1 
ATOM   82  O  OP2   . DC  A 1 5  ? 0.224   -6.777  0.453   1.00 29.82 ? 5   DC  A OP2   1 
ATOM   83  O  "O5'" . DC  A 1 5  ? -1.833  -6.716  -0.925  1.00 32.16 ? 5   DC  A "O5'" 1 
ATOM   84  C  "C5'" . DC  A 1 5  ? -2.996  -7.392  -1.397  1.00 32.15 ? 5   DC  A "C5'" 1 
ATOM   85  C  "C4'" . DC  A 1 5  ? -3.373  -6.776  -2.717  1.00 30.21 ? 5   DC  A "C4'" 1 
ATOM   86  O  "O4'" . DC  A 1 5  ? -3.663  -5.403  -2.464  1.00 30.27 ? 5   DC  A "O4'" 1 
ATOM   87  C  "C3'" . DC  A 1 5  ? -2.245  -6.736  -3.734  1.00 31.40 ? 5   DC  A "C3'" 1 
ATOM   88  O  "O3'" . DC  A 1 5  ? -2.282  -7.915  -4.550  1.00 30.87 ? 5   DC  A "O3'" 1 
ATOM   89  C  "C2'" . DC  A 1 5  ? -2.600  -5.524  -4.575  1.00 32.20 ? 5   DC  A "C2'" 1 
ATOM   90  C  "C1'" . DC  A 1 5  ? -3.396  -4.643  -3.629  1.00 32.02 ? 5   DC  A "C1'" 1 
ATOM   91  N  N1    . DC  A 1 5  ? -2.721  -3.419  -3.204  1.00 31.65 ? 5   DC  A N1    1 
ATOM   92  C  C2    . DC  A 1 5  ? -3.252  -2.205  -3.617  1.00 29.33 ? 5   DC  A C2    1 
ATOM   93  O  O2    . DC  A 1 5  ? -4.215  -2.214  -4.384  1.00 31.09 ? 5   DC  A O2    1 
ATOM   94  N  N3    . DC  A 1 5  ? -2.684  -1.053  -3.194  1.00 31.34 ? 5   DC  A N3    1 
ATOM   95  C  C4    . DC  A 1 5  ? -1.636  -1.092  -2.369  1.00 31.08 ? 5   DC  A C4    1 
ATOM   96  N  N4    . DC  A 1 5  ? -1.112  0.071   -1.968  1.00 33.23 ? 5   DC  A N4    1 
ATOM   97  C  C5    . DC  A 1 5  ? -1.092  -2.323  -1.903  1.00 32.75 ? 5   DC  A C5    1 
ATOM   98  C  C6    . DC  A 1 5  ? -1.669  -3.453  -2.331  1.00 31.36 ? 5   DC  A C6    1 
ATOM   99  P  P     . DG  A 1 6  ? -0.952  -8.611  -4.948  1.00 27.86 ? 6   DG  A P     1 
ATOM   100 O  OP1   . DG  A 1 6  ? -1.329  -10.026 -4.924  1.00 31.16 ? 6   DG  A OP1   1 
ATOM   101 O  OP2   . DG  A 1 6  ? 0.077   -8.127  -3.996  1.00 34.55 ? 6   DG  A OP2   1 
ATOM   102 O  "O5'" . DG  A 1 6  ? -0.580  -7.951  -6.353  1.00 28.99 ? 6   DG  A "O5'" 1 
ATOM   103 C  "C5'" . DG  A 1 6  ? -1.558  -7.341  -7.190  1.00 25.94 ? 6   DG  A "C5'" 1 
ATOM   104 C  "C4'" . DG  A 1 6  ? -0.930  -6.848  -8.472  1.00 30.90 ? 6   DG  A "C4'" 1 
ATOM   105 O  "O4'" . DG  A 1 6  ? -0.797  -5.405  -8.439  1.00 33.04 ? 6   DG  A "O4'" 1 
ATOM   106 C  "C3'" . DG  A 1 6  ? 0.449   -7.390  -8.864  1.00 31.70 ? 6   DG  A "C3'" 1 
ATOM   107 O  "O3'" . DG  A 1 6  ? 0.569   -7.441  -10.303 1.00 35.13 ? 6   DG  A "O3'" 1 
ATOM   108 C  "C2'" . DG  A 1 6  ? 1.393   -6.325  -8.346  1.00 31.72 ? 6   DG  A "C2'" 1 
ATOM   109 C  "C1'" . DG  A 1 6  ? 0.569   -5.032  -8.369  1.00 31.29 ? 6   DG  A "C1'" 1 
ATOM   110 N  N9    . DG  A 1 6  ? 0.752   -4.261  -7.147  1.00 29.51 ? 6   DG  A N9    1 
ATOM   111 C  C8    . DG  A 1 6  ? 1.049   -4.772  -5.910  1.00 26.78 ? 6   DG  A C8    1 
ATOM   112 N  N7    . DG  A 1 6  ? 1.177   -3.853  -4.994  1.00 28.95 ? 6   DG  A N7    1 
ATOM   113 C  C5    . DG  A 1 6  ? 1.003   -2.658  -5.678  1.00 28.38 ? 6   DG  A C5    1 
ATOM   114 C  C6    . DG  A 1 6  ? 1.040   -1.315  -5.213  1.00 28.10 ? 6   DG  A C6    1 
ATOM   115 O  O6    . DG  A 1 6  ? 1.265   -0.896  -4.068  1.00 26.84 ? 6   DG  A O6    1 
ATOM   116 N  N1    . DG  A 1 6  ? 0.768   -0.415  -6.238  1.00 27.92 ? 6   DG  A N1    1 
ATOM   117 C  C2    . DG  A 1 6  ? 0.526   -0.756  -7.542  1.00 24.92 ? 6   DG  A C2    1 
ATOM   118 N  N2    . DG  A 1 6  ? 0.312   0.258   -8.381  1.00 28.38 ? 6   DG  A N2    1 
ATOM   119 N  N3    . DG  A 1 6  ? 0.488   -1.995  -7.988  1.00 27.09 ? 6   DG  A N3    1 
ATOM   120 C  C4    . DG  A 1 6  ? 0.726   -2.892  -7.007  1.00 29.76 ? 6   DG  A C4    1 
ATOM   121 P  P     . DC  A 1 7  ? 1.817   -7.934  -11.203 1.00 32.06 ? 7   DC  A P     1 
ATOM   122 O  OP1   . DC  A 1 7  ? 1.287   -8.445  -12.453 1.00 38.47 ? 7   DC  A OP1   1 
ATOM   123 O  OP2   . DC  A 1 7  ? 2.680   -8.795  -10.385 1.00 38.23 ? 7   DC  A OP2   1 
ATOM   124 O  "O5'" . DC  A 1 7  ? 2.594   -6.603  -11.599 1.00 38.27 ? 7   DC  A "O5'" 1 
ATOM   125 C  "C5'" . DC  A 1 7  ? 1.946   -5.497  -12.274 1.00 36.78 ? 7   DC  A "C5'" 1 
ATOM   126 C  "C4'" . DC  A 1 7  ? 2.818   -4.261  -12.240 1.00 35.09 ? 7   DC  A "C4'" 1 
ATOM   127 O  "O4'" . DC  A 1 7  ? 2.651   -3.635  -10.963 1.00 34.30 ? 7   DC  A "O4'" 1 
ATOM   128 C  "C3'" . DC  A 1 7  ? 4.317   -4.511  -12.346 1.00 35.65 ? 7   DC  A "C3'" 1 
ATOM   129 O  "O3'" . DC  A 1 7  ? 4.769   -4.288  -13.683 1.00 39.09 ? 7   DC  A "O3'" 1 
ATOM   130 C  "C2'" . DC  A 1 7  ? 4.926   -3.379  -11.541 1.00 35.07 ? 7   DC  A "C2'" 1 
ATOM   131 C  "C1'" . DC  A 1 7  ? 3.789   -2.844  -10.679 1.00 36.32 ? 7   DC  A "C1'" 1 
ATOM   132 N  N1    . DC  A 1 7  ? 4.027   -2.886  -9.211  1.00 36.67 ? 7   DC  A N1    1 
ATOM   133 C  C2    . DC  A 1 7  ? 3.953   -1.698  -8.475  1.00 27.78 ? 7   DC  A C2    1 
ATOM   134 O  O2    . DC  A 1 7  ? 3.721   -0.642  -9.067  1.00 26.24 ? 7   DC  A O2    1 
ATOM   135 N  N3    . DC  A 1 7  ? 4.167   -1.730  -7.146  1.00 31.90 ? 7   DC  A N3    1 
ATOM   136 C  C4    . DC  A 1 7  ? 4.454   -2.888  -6.542  1.00 33.40 ? 7   DC  A C4    1 
ATOM   137 N  N4    . DC  A 1 7  ? 4.663   -2.868  -5.219  1.00 30.50 ? 7   DC  A N4    1 
ATOM   138 C  C5    . DC  A 1 7  ? 4.550   -4.111  -7.265  1.00 33.23 ? 7   DC  A C5    1 
ATOM   139 C  C6    . DC  A 1 7  ? 4.322   -4.067  -8.585  1.00 34.47 ? 7   DC  A C6    1 
ATOM   140 P  P     . DC  A 1 8  ? 5.817   -5.233  -14.386 1.00 28.06 ? 8   DC  A P     1 
ATOM   141 O  OP1   . DC  A 1 8  ? 5.403   -5.093  -15.784 1.00 37.56 ? 8   DC  A OP1   1 
ATOM   142 O  OP2   . DC  A 1 8  ? 5.829   -6.536  -13.698 1.00 31.47 ? 8   DC  A OP2   1 
ATOM   143 O  "O5'" . DC  A 1 8  ? 7.251   -4.588  -14.177 1.00 34.54 ? 8   DC  A "O5'" 1 
ATOM   144 C  "C5'" . DC  A 1 8  ? 7.533   -3.202  -14.480 1.00 36.82 ? 8   DC  A "C5'" 1 
ATOM   145 C  "C4'" . DC  A 1 8  ? 8.741   -2.733  -13.699 1.00 37.41 ? 8   DC  A "C4'" 1 
ATOM   146 O  "O4'" . DC  A 1 8  ? 8.347   -2.422  -12.351 1.00 33.26 ? 8   DC  A "O4'" 1 
ATOM   147 C  "C3'" . DC  A 1 8  ? 9.855   -3.763  -13.537 1.00 40.30 ? 8   DC  A "C3'" 1 
ATOM   148 O  "O3'" . DC  A 1 8  ? 10.786  -3.701  -14.622 1.00 46.60 ? 8   DC  A "O3'" 1 
ATOM   149 C  "C2'" . DC  A 1 8  ? 10.521  -3.364  -12.230 1.00 36.08 ? 8   DC  A "C2'" 1 
ATOM   150 C  "C1'" . DC  A 1 8  ? 9.484   -2.515  -11.506 1.00 31.97 ? 8   DC  A "C1'" 1 
ATOM   151 N  N1    . DC  A 1 8  ? 9.027   -3.037  -10.221 1.00 30.56 ? 8   DC  A N1    1 
ATOM   152 C  C2    . DC  A 1 8  ? 9.295   -2.307  -9.060  1.00 31.50 ? 8   DC  A C2    1 
ATOM   153 O  O2    . DC  A 1 8  ? 9.986   -1.280  -9.142  1.00 31.50 ? 8   DC  A O2    1 
ATOM   154 N  N3    . DC  A 1 8  ? 8.813   -2.755  -7.875  1.00 32.28 ? 8   DC  A N3    1 
ATOM   155 C  C4    . DC  A 1 8  ? 8.066   -3.861  -7.834  1.00 28.69 ? 8   DC  A C4    1 
ATOM   156 N  N4    . DC  A 1 8  ? 7.626   -4.275  -6.648  1.00 30.73 ? 8   DC  A N4    1 
ATOM   157 C  C5    . DC  A 1 8  ? 7.755   -4.603  -9.006  1.00 27.77 ? 8   DC  A C5    1 
ATOM   158 C  C6    . DC  A 1 8  ? 8.234   -4.148  -10.170 1.00 28.63 ? 8   DC  A C6    1 
ATOM   159 P  P     . DG  A 1 9  ? 11.631  -5.006  -15.005 1.00 47.70 ? 9   DG  A P     1 
ATOM   160 O  OP1   . DG  A 1 9  ? 11.872  -4.839  -16.457 1.00 51.27 ? 9   DG  A OP1   1 
ATOM   161 O  OP2   . DG  A 1 9  ? 10.991  -6.231  -14.466 0.70 44.67 ? 9   DG  A OP2   1 
ATOM   162 O  "O5'" . DG  A 1 9  ? 13.023  -4.828  -14.262 1.00 48.12 ? 9   DG  A "O5'" 1 
ATOM   163 C  "C5'" . DG  A 1 9  ? 13.882  -3.725  -14.585 1.00 46.50 ? 9   DG  A "C5'" 1 
ATOM   164 C  "C4'" . DG  A 1 9  ? 14.781  -3.445  -13.406 1.00 45.45 ? 9   DG  A "C4'" 1 
ATOM   165 O  "O4'" . DG  A 1 9  ? 13.907  -3.140  -12.313 1.00 40.67 ? 9   DG  A "O4'" 1 
ATOM   166 C  "C3'" . DG  A 1 9  ? 15.608  -4.645  -12.940 1.00 50.85 ? 9   DG  A "C3'" 1 
ATOM   167 O  "O3'" . DG  A 1 9  ? 17.008  -4.564  -13.252 1.00 60.41 ? 9   DG  A "O3'" 1 
ATOM   168 C  "C2'" . DG  A 1 9  ? 15.586  -4.546  -11.427 1.00 46.13 ? 9   DG  A "C2'" 1 
ATOM   169 C  "C1'" . DG  A 1 9  ? 14.498  -3.548  -11.098 1.00 40.65 ? 9   DG  A "C1'" 1 
ATOM   170 N  N9    . DG  A 1 9  ? 13.464  -4.164  -10.291 1.00 33.55 ? 9   DG  A N9    1 
ATOM   171 C  C8    . DG  A 1 9  ? 12.743  -5.287  -10.604 1.00 35.91 ? 9   DG  A C8    1 
ATOM   172 N  N7    . DG  A 1 9  ? 11.882  -5.614  -9.680  1.00 36.22 ? 9   DG  A N7    1 
ATOM   173 C  C5    . DG  A 1 9  ? 12.076  -4.671  -8.683  1.00 35.01 ? 9   DG  A C5    1 
ATOM   174 C  C6    . DG  A 1 9  ? 11.440  -4.522  -7.428  1.00 35.17 ? 9   DG  A C6    1 
ATOM   175 O  O6    . DG  A 1 9  ? 10.557  -5.229  -6.927  1.00 37.74 ? 9   DG  A O6    1 
ATOM   176 N  N1    . DG  A 1 9  ? 11.915  -3.405  -6.743  1.00 31.22 ? 9   DG  A N1    1 
ATOM   177 C  C2    . DG  A 1 9  ? 12.898  -2.561  -7.196  1.00 29.66 ? 9   DG  A C2    1 
ATOM   178 N  N2    . DG  A 1 9  ? 13.241  -1.555  -6.382  1.00 33.57 ? 9   DG  A N2    1 
ATOM   179 N  N3    . DG  A 1 9  ? 13.512  -2.701  -8.357  1.00 34.27 ? 9   DG  A N3    1 
ATOM   180 C  C4    . DG  A 1 9  ? 13.054  -3.772  -9.044  1.00 35.10 ? 9   DG  A C4    1 
ATOM   181 P  P     . DG  A 1 10 ? 17.956  -5.775  -12.731 0.70 64.25 ? 10  DG  A P     1 
ATOM   182 O  OP1   . DG  A 1 10 ? 19.330  -5.439  -13.179 0.70 69.77 ? 10  DG  A OP1   1 
ATOM   183 O  OP2   . DG  A 1 10 ? 17.335  -7.073  -13.143 0.70 57.14 ? 10  DG  A OP2   1 
ATOM   184 O  "O5'" . DG  A 1 10 ? 18.022  -5.701  -11.138 0.70 58.17 ? 10  DG  A "O5'" 1 
ATOM   185 C  "C5'" . DG  A 1 10 ? 18.854  -6.612  -10.393 0.70 52.32 ? 10  DG  A "C5'" 1 
ATOM   186 C  "C4'" . DG  A 1 10 ? 19.889  -5.857  -9.591  0.70 48.21 ? 10  DG  A "C4'" 1 
ATOM   187 O  "O4'" . DG  A 1 10 ? 19.247  -5.130  -8.513  0.70 49.65 ? 10  DG  A "O4'" 1 
ATOM   188 C  "C3'" . DG  A 1 10 ? 20.930  -6.752  -8.926  0.70 47.72 ? 10  DG  A "C3'" 1 
ATOM   189 O  "O3'" . DG  A 1 10 ? 22.080  -6.866  -9.779  0.70 49.64 ? 10  DG  A "O3'" 1 
ATOM   190 C  "C2'" . DG  A 1 10 ? 21.229  -6.034  -7.616  0.70 45.60 ? 10  DG  A "C2'" 1 
ATOM   191 C  "C1'" . DG  A 1 10 ? 19.923  -5.338  -7.273  0.70 40.94 ? 10  DG  A "C1'" 1 
ATOM   192 N  N9    . DG  A 1 10 ? 19.027  -6.099  -6.406  0.70 35.64 ? 10  DG  A N9    1 
ATOM   193 C  C8    . DG  A 1 10 ? 18.634  -5.810  -5.120  0.70 31.48 ? 10  DG  A C8    1 
ATOM   194 N  N7    . DG  A 1 10 ? 17.795  -6.682  -4.634  0.70 29.10 ? 10  DG  A N7    1 
ATOM   195 C  C5    . DG  A 1 10 ? 17.619  -7.597  -5.665  0.70 28.18 ? 10  DG  A C5    1 
ATOM   196 C  C6    . DG  A 1 10 ? 16.825  -8.763  -5.731  0.70 28.25 ? 10  DG  A C6    1 
ATOM   197 O  O6    . DG  A 1 10 ? 16.086  -9.240  -4.865  0.70 29.27 ? 10  DG  A O6    1 
ATOM   198 N  N1    . DG  A 1 10 ? 16.944  -9.395  -6.964  0.70 27.94 ? 10  DG  A N1    1 
ATOM   199 C  C2    . DG  A 1 10 ? 17.717  -8.952  -8.005  0.70 28.36 ? 10  DG  A C2    1 
ATOM   200 N  N2    . DG  A 1 10 ? 17.680  -9.676  -9.128  0.70 29.28 ? 10  DG  A N2    1 
ATOM   201 N  N3    . DG  A 1 10 ? 18.457  -7.868  -7.957  0.70 30.93 ? 10  DG  A N3    1 
ATOM   202 C  C4    . DG  A 1 10 ? 18.359  -7.240  -6.768  0.70 30.52 ? 10  DG  A C4    1 
HETATM 203 BA BA    . BA  B 2 .  ? -1.791  3.435   2.138   1.00 24.82 ? 101 BA  A BA    1 
HETATM 204 C  C53   . RML C 3 .  ? -15.078 10.692  3.683   1.00 30.18 ? 102 RML A C53   1 
HETATM 205 C  C17   . RML C 3 .  ? -13.754 10.359  4.303   1.00 31.28 ? 102 RML A C17   1 
HETATM 206 C  C18   . RML C 3 .  ? -12.521 10.839  3.838   1.00 30.50 ? 102 RML A C18   1 
HETATM 207 C  C52   . RML C 3 .  ? -12.408 11.734  2.641   1.00 31.88 ? 102 RML A C52   1 
HETATM 208 C  C14   . RML C 3 .  ? -11.321 10.467  4.477   1.00 30.33 ? 102 RML A C14   1 
HETATM 209 C  C16   . RML C 3 .  ? -13.777 9.504   5.411   1.00 31.20 ? 102 RML A C16   1 
HETATM 210 C  C15   . RML C 3 .  ? -12.579 9.143   6.040   1.00 28.56 ? 102 RML A C15   1 
HETATM 211 N  N3    . RML C 3 .  ? -12.628 8.319   7.106   1.00 30.23 ? 102 RML A N3    1 
HETATM 212 C  C13   . RML C 3 .  ? -11.347 9.614   5.593   1.00 28.65 ? 102 RML A C13   1 
HETATM 213 N  N4    . RML C 3 .  ? -10.191 9.210   6.209   1.00 28.02 ? 102 RML A N4    1 
HETATM 214 C  C7    . RML C 3 .  ? -10.245 8.395   7.268   1.00 27.30 ? 102 RML A C7    1 
HETATM 215 C  C6    . RML C 3 .  ? -11.484 7.935   7.749   1.00 29.45 ? 102 RML A C6    1 
HETATM 216 C  C5    . RML C 3 .  ? -11.564 7.082   8.883   1.00 27.84 ? 102 RML A C5    1 
HETATM 217 C  C4    . RML C 3 .  ? -12.751 6.580   9.406   1.00 29.16 ? 102 RML A C4    1 
HETATM 218 C  C3    . RML C 3 .  ? -12.711 5.732   10.513  1.00 27.95 ? 102 RML A C3    1 
HETATM 219 C  C2    . RML C 3 .  ? -11.492 5.397   11.092  1.00 28.58 ? 102 RML A C2    1 
HETATM 220 C  C8    . RML C 3 .  ? -9.095  8.024   7.909   1.00 26.82 ? 102 RML A C8    1 
HETATM 221 C  C10   . RML C 3 .  ? -9.186  7.171   9.031   1.00 28.44 ? 102 RML A C10   1 
HETATM 222 C  C1    . RML C 3 .  ? -10.407 6.698   9.509   1.00 27.95 ? 102 RML A C1    1 
HETATM 223 N  N2    . RML C 3 .  ? -10.366 5.908   10.602  1.00 24.81 ? 102 RML A N2    1 
HETATM 224 N  N1    . RML C 3 .  ? -8.134  6.694   9.746   1.00 27.95 ? 102 RML A N1    1 
HETATM 225 C  C12   . RML C 3 .  ? -6.915  7.177   9.360   1.00 29.85 ? 102 RML A C12   1 
HETATM 226 C  C11   . RML C 3 .  ? -6.789  8.020   8.234   1.00 28.07 ? 102 RML A C11   1 
HETATM 227 C  C9    . RML C 3 .  ? -7.880  8.473   7.480   1.00 26.67 ? 102 RML A C9    1 
HETATM 228 RU RU    . RML C 3 .  ? -8.704  5.707   11.203  1.00 22.46 ? 102 RML A RU    1 
HETATM 229 N  N8    . RML C 3 .  ? -7.009  5.489   11.788  1.00 22.36 ? 102 RML A N8    1 
HETATM 230 C  C28   . RML C 3 .  ? -6.223  6.223   12.558  1.00 27.96 ? 102 RML A C28   1 
HETATM 231 C  C27   . RML C 3 .  ? -4.917  5.794   12.884  1.00 24.37 ? 102 RML A C27   1 
HETATM 232 N  N7    . RML C 3 .  ? -4.402  4.647   12.452  1.00 22.98 ? 102 RML A N7    1 
HETATM 233 C  C26   . RML C 3 .  ? -6.441  4.373   11.361  1.00 24.45 ? 102 RML A C26   1 
HETATM 234 C  C25   . RML C 3 .  ? -5.159  3.902   11.679  1.00 24.23 ? 102 RML A C25   1 
HETATM 235 C  C24   . RML C 3 .  ? -4.681  2.677   11.176  1.00 24.32 ? 102 RML A C24   1 
HETATM 236 C  C23   . RML C 3 .  ? -5.515  1.934   10.339  1.00 24.45 ? 102 RML A C23   1 
HETATM 237 C  C22   . RML C 3 .  ? -6.796  2.424   10.032  1.00 25.38 ? 102 RML A C22   1 
HETATM 238 N  N6    . RML C 3 .  ? -7.667  1.762   9.263   1.00 28.92 ? 102 RML A N6    1 
HETATM 239 C  C19   . RML C 3 .  ? -7.239  3.617   10.544  1.00 25.27 ? 102 RML A C19   1 
HETATM 240 N  N5    . RML C 3 .  ? -8.436  4.142   10.303  1.00 26.47 ? 102 RML A N5    1 
HETATM 241 C  C20   . RML C 3 .  ? -9.289  3.476   9.502   1.00 28.27 ? 102 RML A C20   1 
HETATM 242 C  C21   . RML C 3 .  ? -8.890  2.261   8.989   1.00 28.87 ? 102 RML A C21   1 
HETATM 243 N  N12   . RML C 3 .  ? -9.291  4.817   12.681  1.00 25.55 ? 102 RML A N12   1 
HETATM 244 C  C38   . RML C 3 .  ? -9.486  3.499   12.904  1.00 29.29 ? 102 RML A C38   1 
HETATM 245 C  C37   . RML C 3 .  ? -10.000 3.061   14.121  1.00 25.39 ? 102 RML A C37   1 
HETATM 246 N  N11   . RML C 3 .  ? -10.309 3.945   15.058  1.00 25.19 ? 102 RML A N11   1 
HETATM 247 C  C36   . RML C 3 .  ? -9.639  5.647   13.657  1.00 24.36 ? 102 RML A C36   1 
HETATM 248 C  C29   . RML C 3 .  ? -9.440  7.011   13.399  1.00 26.86 ? 102 RML A C29   1 
HETATM 249 N  N9    . RML C 3 .  ? -8.946  7.266   12.168  1.00 24.34 ? 102 RML A N9    1 
HETATM 250 C  C30   . RML C 3 .  ? -8.729  8.557   11.895  1.00 22.55 ? 102 RML A C30   1 
HETATM 251 C  C31   . RML C 3 .  ? -9.027  9.511   12.870  1.00 23.84 ? 102 RML A C31   1 
HETATM 252 C  C35   . RML C 3 .  ? -10.119 5.240   14.852  1.00 23.63 ? 102 RML A C35   1 
HETATM 253 C  C34   . RML C 3 .  ? -10.424 6.178   15.831  1.00 25.70 ? 102 RML A C34   1 
HETATM 254 C  C33   . RML C 3 .  ? -10.234 7.553   15.600  1.00 26.92 ? 102 RML A C33   1 
HETATM 255 C  C32   . RML C 3 .  ? -9.734  7.982   14.375  1.00 24.50 ? 102 RML A C32   1 
HETATM 256 N  N10   . RML C 3 .  ? -9.537  9.259   14.105  1.00 23.54 ? 102 RML A N10   1 
HETATM 257 O  O     . HOH D 4 .  ? 1.009   -0.739  0.894   1.00 48.12 ? 201 HOH A O     1 
HETATM 258 O  O     . HOH D 4 .  ? -1.151  4.298   -0.992  1.00 48.26 ? 202 HOH A O     1 
HETATM 259 O  O     . HOH D 4 .  ? -7.192  0.743   12.694  1.00 41.48 ? 203 HOH A O     1 
HETATM 260 O  O     . HOH D 4 .  ? 0.927   -0.885  3.977   1.00 48.56 ? 204 HOH A O     1 
HETATM 261 O  O     . HOH D 4 .  ? -2.763  -0.848  11.487  1.00 44.21 ? 205 HOH A O     1 
HETATM 262 O  O     . HOH D 4 .  ? -11.046 0.218   6.694   1.00 45.71 ? 206 HOH A O     1 
HETATM 263 O  O     . HOH D 4 .  ? -5.395  -3.917  -0.414  1.00 24.54 ? 207 HOH A O     1 
HETATM 264 O  O     . HOH D 4 .  ? -5.543  -6.086  -5.515  1.00 40.35 ? 208 HOH A O     1 
HETATM 265 O  O     . HOH D 4 .  ? -0.436  1.683   4.178   1.00 44.96 ? 209 HOH A O     1 
HETATM 266 O  O     . HOH D 4 .  ? -1.271  4.843   4.468   1.00 43.78 ? 210 HOH A O     1 
HETATM 267 O  O     . HOH D 4 .  ? -2.203  7.877   2.723   1.00 40.98 ? 211 HOH A O     1 
HETATM 268 O  O     . HOH D 4 .  ? -1.058  -11.501 -1.244  1.00 32.43 ? 212 HOH A O     1 
HETATM 269 O  O     . HOH D 4 .  ? 1.476   -11.916 1.592   1.00 57.36 ? 213 HOH A O     1 
HETATM 270 O  O     . HOH D 4 .  ? -8.763  -0.942  5.050   1.00 38.51 ? 214 HOH A O     1 
HETATM 271 O  O     . HOH D 4 .  ? 3.666   -10.289 -8.559  1.00 49.80 ? 215 HOH A O     1 
HETATM 272 O  O     . HOH D 4 .  ? -5.721  9.441   13.375  1.00 41.37 ? 216 HOH A O     1 
HETATM 273 O  O     . HOH D 4 .  ? 1.784   -0.751  7.826   1.00 49.55 ? 217 HOH A O     1 
HETATM 274 O  O     . HOH D 4 .  ? -11.943 2.273   10.733  1.00 43.08 ? 218 HOH A O     1 
HETATM 275 O  O     . HOH D 4 .  ? 6.998   -7.332  -10.702 1.00 43.17 ? 219 HOH A O     1 
HETATM 276 O  O     . HOH D 4 .  ? -0.419  -11.072 -8.478  1.00 49.44 ? 220 HOH A O     1 
HETATM 277 O  O     . HOH D 4 .  ? -5.853  -8.857  -5.388  1.00 44.81 ? 221 HOH A O     1 
HETATM 278 O  O     . HOH D 4 .  ? 12.436  -11.940 -11.554 1.00 52.08 ? 222 HOH A O     1 
# 
